data_7QDJ
# 
_entry.id   7QDJ 
# 
_audit_conform.dict_name       mmcif_pdbx.dic 
_audit_conform.dict_version    5.359 
_audit_conform.dict_location   http://mmcif.pdb.org/dictionaries/ascii/mmcif_pdbx.dic 
# 
loop_
_database_2.database_id 
_database_2.database_code 
_database_2.pdbx_database_accession 
_database_2.pdbx_DOI 
PDB   7QDJ         pdb_00007qdj 10.2210/pdb7qdj/pdb 
WWPDB D_1292119342 ?            ?                   
# 
_pdbx_database_status.status_code                     REL 
_pdbx_database_status.status_code_sf                  REL 
_pdbx_database_status.status_code_mr                  ? 
_pdbx_database_status.entry_id                        7QDJ 
_pdbx_database_status.recvd_initial_deposition_date   2021-11-27 
_pdbx_database_status.SG_entry                        N 
_pdbx_database_status.deposit_site                    PDBE 
_pdbx_database_status.process_site                    PDBE 
_pdbx_database_status.status_code_cs                  ? 
_pdbx_database_status.status_code_nmr_data            ? 
_pdbx_database_status.methods_development_category    ? 
_pdbx_database_status.pdb_format_compatible           Y 
# 
loop_
_audit_author.name 
_audit_author.pdbx_ordinal 
_audit_author.identifier_ORCID 
'Kumar, P.'      1 0000-0002-2008-3347 
'Paterson, N.G.' 2 0000-0003-4292-6971 
'Woolfson, D.N.' 3 0000-0002-0394-3202 
# 
_citation.abstract                  ? 
_citation.abstract_id_CAS           ? 
_citation.book_id_ISBN              ? 
_citation.book_publisher            ? 
_citation.book_publisher_city       ? 
_citation.book_title                ? 
_citation.coordinate_linkage        ? 
_citation.country                   UK 
_citation.database_id_Medline       ? 
_citation.details                   ? 
_citation.id                        primary 
_citation.journal_abbrev            Nature 
_citation.journal_id_ASTM           NATUAS 
_citation.journal_id_CSD            0006 
_citation.journal_id_ISSN           1476-4687 
_citation.journal_full              ? 
_citation.journal_issue             ? 
_citation.journal_volume            607 
_citation.language                  ? 
_citation.page_first                387 
_citation.page_last                 392 
_citation.title                     'De novo design of discrete, stable 3 10 -helix peptide assemblies.' 
_citation.year                      2022 
_citation.database_id_CSD           ? 
_citation.pdbx_database_id_DOI      10.1038/s41586-022-04868-x 
_citation.pdbx_database_id_PubMed   35732733 
_citation.pdbx_database_id_patent   ? 
_citation.unpublished_flag          ? 
# 
loop_
_citation_author.citation_id 
_citation_author.name 
_citation_author.ordinal 
_citation_author.identifier_ORCID 
primary 'Kumar, P.'      1 ? 
primary 'Paterson, N.G.' 2 ? 
primary 'Clayden, J.'    3 ? 
primary 'Woolfson, D.N.' 4 ? 
# 
_cell.angle_alpha                  90.000 
_cell.angle_alpha_esd              ? 
_cell.angle_beta                   96.610 
_cell.angle_beta_esd               ? 
_cell.angle_gamma                  90.000 
_cell.angle_gamma_esd              ? 
_cell.entry_id                     7QDJ 
_cell.details                      ? 
_cell.formula_units_Z              ? 
_cell.length_a                     26.928 
_cell.length_a_esd                 ? 
_cell.length_b                     19.379 
_cell.length_b_esd                 ? 
_cell.length_c                     55.644 
_cell.length_c_esd                 ? 
_cell.volume                       ? 
_cell.volume_esd                   ? 
_cell.Z_PDB                        8 
_cell.reciprocal_angle_alpha       ? 
_cell.reciprocal_angle_beta        ? 
_cell.reciprocal_angle_gamma       ? 
_cell.reciprocal_angle_alpha_esd   ? 
_cell.reciprocal_angle_beta_esd    ? 
_cell.reciprocal_angle_gamma_esd   ? 
_cell.reciprocal_length_a          ? 
_cell.reciprocal_length_b          ? 
_cell.reciprocal_length_c          ? 
_cell.reciprocal_length_a_esd      ? 
_cell.reciprocal_length_b_esd      ? 
_cell.reciprocal_length_c_esd      ? 
_cell.pdbx_unique_axis             ? 
# 
_symmetry.entry_id                         7QDJ 
_symmetry.cell_setting                     ? 
_symmetry.Int_Tables_number                15 
_symmetry.space_group_name_Hall            ? 
_symmetry.space_group_name_H-M             'C 1 2/c 1' 
_symmetry.pdbx_full_space_group_name_H-M   ? 
# 
loop_
_entity.id 
_entity.type 
_entity.src_method 
_entity.pdbx_description 
_entity.formula_weight 
_entity.pdbx_number_of_molecules 
_entity.pdbx_ec 
_entity.pdbx_mutation 
_entity.pdbx_fragment 
_entity.details 
1 polymer     syn PK-10+PK-11    2036.506 1  ? ? ? ? 
2 non-polymer syn 'MALONATE ION' 102.046  1  ? ? ? ? 
3 non-polymer syn GLYCEROL       92.094   1  ? ? ? ? 
4 non-polymer syn 'SODIUM ION'   22.990   2  ? ? ? ? 
5 water       nat water          18.015   27 ? ? ? ? 
# 
_entity_poly.entity_id                      1 
_entity_poly.type                           'polypeptide(L)' 
_entity_poly.nstd_linkage                   no 
_entity_poly.nstd_monomer                   yes 
_entity_poly.pdbx_seq_one_letter_code       '(ACE)GEL(AIB)(AIB)LKEL(AIB)(AIB)LK(AIB)(AIB)(AIB)WKG(NH2)' 
_entity_poly.pdbx_seq_one_letter_code_can   XGELAALKELAALKAAAWKGX 
_entity_poly.pdbx_strand_id                 A 
_entity_poly.pdbx_target_identifier         ? 
# 
loop_
_entity_poly_seq.entity_id 
_entity_poly_seq.num 
_entity_poly_seq.mon_id 
_entity_poly_seq.hetero 
1 1  ACE n 
1 2  GLY n 
1 3  GLU n 
1 4  LEU n 
1 5  AIB n 
1 6  AIB n 
1 7  LEU n 
1 8  LYS n 
1 9  GLU n 
1 10 LEU n 
1 11 AIB n 
1 12 AIB n 
1 13 LEU n 
1 14 LYS n 
1 15 AIB n 
1 16 AIB n 
1 17 AIB n 
1 18 TRP n 
1 19 LYS n 
1 20 GLY n 
1 21 NH2 n 
# 
_pdbx_entity_src_syn.entity_id              1 
_pdbx_entity_src_syn.pdbx_src_id            1 
_pdbx_entity_src_syn.pdbx_alt_source_flag   sample 
_pdbx_entity_src_syn.pdbx_beg_seq_num       1 
_pdbx_entity_src_syn.pdbx_end_seq_num       21 
_pdbx_entity_src_syn.organism_scientific    'synthetic construct' 
_pdbx_entity_src_syn.organism_common_name   ? 
_pdbx_entity_src_syn.ncbi_taxonomy_id       32630 
_pdbx_entity_src_syn.details                ? 
# 
_struct_ref.id                         1 
_struct_ref.db_name                    PDB 
_struct_ref.db_code                    7QDJ 
_struct_ref.pdbx_db_accession          7QDJ 
_struct_ref.pdbx_db_isoform            ? 
_struct_ref.entity_id                  1 
_struct_ref.pdbx_seq_one_letter_code   ? 
_struct_ref.pdbx_align_begin           1 
# 
_struct_ref_seq.align_id                      1 
_struct_ref_seq.ref_id                        1 
_struct_ref_seq.pdbx_PDB_id_code              7QDJ 
_struct_ref_seq.pdbx_strand_id                A 
_struct_ref_seq.seq_align_beg                 1 
_struct_ref_seq.pdbx_seq_align_beg_ins_code   ? 
_struct_ref_seq.seq_align_end                 21 
_struct_ref_seq.pdbx_seq_align_end_ins_code   ? 
_struct_ref_seq.pdbx_db_accession             7QDJ 
_struct_ref_seq.db_align_beg                  0 
_struct_ref_seq.pdbx_db_align_beg_ins_code    ? 
_struct_ref_seq.db_align_end                  20 
_struct_ref_seq.pdbx_db_align_end_ins_code    ? 
_struct_ref_seq.pdbx_auth_seq_align_beg       0 
_struct_ref_seq.pdbx_auth_seq_align_end       20 
# 
loop_
_chem_comp.id 
_chem_comp.type 
_chem_comp.mon_nstd_flag 
_chem_comp.name 
_chem_comp.pdbx_synonyms 
_chem_comp.formula 
_chem_comp.formula_weight 
ACE non-polymer         . 'ACETYL GROUP'               ?                               'C2 H4 O'        44.053  
AIB 'L-peptide linking' n 'ALPHA-AMINOISOBUTYRIC ACID' ?                               'C4 H9 N O2'     103.120 
GLU 'L-peptide linking' y 'GLUTAMIC ACID'              ?                               'C5 H9 N O4'     147.129 
GLY 'peptide linking'   y GLYCINE                      ?                               'C2 H5 N O2'     75.067  
GOL non-polymer         . GLYCEROL                     'GLYCERIN; PROPANE-1,2,3-TRIOL' 'C3 H8 O3'       92.094  
HOH non-polymer         . WATER                        ?                               'H2 O'           18.015  
LEU 'L-peptide linking' y LEUCINE                      ?                               'C6 H13 N O2'    131.173 
LYS 'L-peptide linking' y LYSINE                       ?                               'C6 H15 N2 O2 1' 147.195 
MLI non-polymer         . 'MALONATE ION'               ?                               'C3 H2 O4 -2'    102.046 
NA  non-polymer         . 'SODIUM ION'                 ?                               'Na 1'           22.990  
NH2 non-polymer         . 'AMINO GROUP'                ?                               'H2 N'           16.023  
TRP 'L-peptide linking' y TRYPTOPHAN                   ?                               'C11 H12 N2 O2'  204.225 
# 
_exptl.absorpt_coefficient_mu     ? 
_exptl.absorpt_correction_T_max   ? 
_exptl.absorpt_correction_T_min   ? 
_exptl.absorpt_correction_type    ? 
_exptl.absorpt_process_details    ? 
_exptl.entry_id                   7QDJ 
_exptl.crystals_number            1 
_exptl.details                    ? 
_exptl.method                     'X-RAY DIFFRACTION' 
_exptl.method_details             ? 
# 
_exptl_crystal.colour                      ? 
_exptl_crystal.density_diffrn              ? 
_exptl_crystal.density_Matthews            1.77 
_exptl_crystal.density_method              ? 
_exptl_crystal.density_percent_sol         30.53 
_exptl_crystal.description                 ? 
_exptl_crystal.F_000                       ? 
_exptl_crystal.id                          1 
_exptl_crystal.preparation                 ? 
_exptl_crystal.size_max                    ? 
_exptl_crystal.size_mid                    ? 
_exptl_crystal.size_min                    ? 
_exptl_crystal.size_rad                    ? 
_exptl_crystal.colour_lustre               ? 
_exptl_crystal.colour_modifier             ? 
_exptl_crystal.colour_primary              ? 
_exptl_crystal.density_meas                ? 
_exptl_crystal.density_meas_esd            ? 
_exptl_crystal.density_meas_gt             ? 
_exptl_crystal.density_meas_lt             ? 
_exptl_crystal.density_meas_temp           ? 
_exptl_crystal.density_meas_temp_esd       ? 
_exptl_crystal.density_meas_temp_gt        ? 
_exptl_crystal.density_meas_temp_lt        ? 
_exptl_crystal.pdbx_crystal_image_url      ? 
_exptl_crystal.pdbx_crystal_image_format   ? 
_exptl_crystal.pdbx_mosaicity              ? 
_exptl_crystal.pdbx_mosaicity_esd          ? 
# 
_exptl_crystal_grow.apparatus       ? 
_exptl_crystal_grow.atmosphere      ? 
_exptl_crystal_grow.crystal_id      1 
_exptl_crystal_grow.details         ? 
_exptl_crystal_grow.method          'VAPOR DIFFUSION, SITTING DROP' 
_exptl_crystal_grow.method_ref      ? 
_exptl_crystal_grow.pH              7.4 
_exptl_crystal_grow.pressure        ? 
_exptl_crystal_grow.pressure_esd    ? 
_exptl_crystal_grow.seeding         ? 
_exptl_crystal_grow.seeding_ref     ? 
_exptl_crystal_grow.temp            278 
_exptl_crystal_grow.temp_details    ? 
_exptl_crystal_grow.temp_esd        ? 
_exptl_crystal_grow.time            ? 
_exptl_crystal_grow.pdbx_details    '0.1M (Sodium malonate dibasic monohydrate, Imidazole, Boric acid), 25% w/v PEG1500 at pH 7.0' 
_exptl_crystal_grow.pdbx_pH_range   ? 
# 
_diffrn.ambient_environment              ? 
_diffrn.ambient_temp                     100 
_diffrn.ambient_temp_details             ? 
_diffrn.ambient_temp_esd                 ? 
_diffrn.crystal_id                       1 
_diffrn.crystal_support                  ? 
_diffrn.crystal_treatment                ? 
_diffrn.details                          ? 
_diffrn.id                               1 
_diffrn.ambient_pressure                 ? 
_diffrn.ambient_pressure_esd             ? 
_diffrn.ambient_pressure_gt              ? 
_diffrn.ambient_pressure_lt              ? 
_diffrn.ambient_temp_gt                  ? 
_diffrn.ambient_temp_lt                  ? 
_diffrn.pdbx_serial_crystal_experiment   N 
# 
_diffrn_detector.details                      ? 
_diffrn_detector.detector                     PIXEL 
_diffrn_detector.diffrn_id                    1 
_diffrn_detector.type                         'DECTRIS PILATUS 6M-F' 
_diffrn_detector.area_resol_mean              ? 
_diffrn_detector.dtime                        ? 
_diffrn_detector.pdbx_frames_total            ? 
_diffrn_detector.pdbx_collection_time_total   ? 
_diffrn_detector.pdbx_collection_date         2020-02-03 
_diffrn_detector.pdbx_frequency               ? 
# 
_diffrn_radiation.collimation                      ? 
_diffrn_radiation.diffrn_id                        1 
_diffrn_radiation.filter_edge                      ? 
_diffrn_radiation.inhomogeneity                    ? 
_diffrn_radiation.monochromator                    ? 
_diffrn_radiation.polarisn_norm                    ? 
_diffrn_radiation.polarisn_ratio                   ? 
_diffrn_radiation.probe                            ? 
_diffrn_radiation.type                             ? 
_diffrn_radiation.xray_symbol                      ? 
_diffrn_radiation.wavelength_id                    1 
_diffrn_radiation.pdbx_monochromatic_or_laue_m_l   M 
_diffrn_radiation.pdbx_wavelength_list             ? 
_diffrn_radiation.pdbx_wavelength                  ? 
_diffrn_radiation.pdbx_diffrn_protocol             'SINGLE WAVELENGTH' 
_diffrn_radiation.pdbx_analyzer                    ? 
_diffrn_radiation.pdbx_scattering_type             x-ray 
# 
_diffrn_radiation_wavelength.id           1 
_diffrn_radiation_wavelength.wavelength   0.9119 
_diffrn_radiation_wavelength.wt           1.0 
# 
_diffrn_source.current                     ? 
_diffrn_source.details                     ? 
_diffrn_source.diffrn_id                   1 
_diffrn_source.power                       ? 
_diffrn_source.size                        ? 
_diffrn_source.source                      SYNCHROTRON 
_diffrn_source.target                      ? 
_diffrn_source.type                        'DIAMOND BEAMLINE I04-1' 
_diffrn_source.voltage                     ? 
_diffrn_source.take-off_angle              ? 
_diffrn_source.pdbx_wavelength_list        0.9119 
_diffrn_source.pdbx_wavelength             ? 
_diffrn_source.pdbx_synchrotron_beamline   I04-1 
_diffrn_source.pdbx_synchrotron_site       Diamond 
# 
_reflns.B_iso_Wilson_estimate                          ? 
_reflns.entry_id                                       7QDJ 
_reflns.data_reduction_details                         ? 
_reflns.data_reduction_method                          ? 
_reflns.d_resolution_high                              1.44 
_reflns.d_resolution_low                               27.64 
_reflns.details                                        ? 
_reflns.limit_h_max                                    ? 
_reflns.limit_h_min                                    ? 
_reflns.limit_k_max                                    ? 
_reflns.limit_k_min                                    ? 
_reflns.limit_l_max                                    ? 
_reflns.limit_l_min                                    ? 
_reflns.number_all                                     ? 
_reflns.number_obs                                     5150 
_reflns.observed_criterion                             ? 
_reflns.observed_criterion_F_max                       ? 
_reflns.observed_criterion_F_min                       ? 
_reflns.observed_criterion_I_max                       ? 
_reflns.observed_criterion_I_min                       ? 
_reflns.observed_criterion_sigma_F                     ? 
_reflns.observed_criterion_sigma_I                     ? 
_reflns.percent_possible_obs                           97.1 
_reflns.R_free_details                                 ? 
_reflns.Rmerge_F_all                                   ? 
_reflns.Rmerge_F_obs                                   ? 
_reflns.Friedel_coverage                               ? 
_reflns.number_gt                                      ? 
_reflns.threshold_expression                           ? 
_reflns.pdbx_redundancy                                13 
_reflns.pdbx_Rmerge_I_obs                              0.032 
_reflns.pdbx_Rmerge_I_all                              ? 
_reflns.pdbx_Rsym_value                                ? 
_reflns.pdbx_netI_over_av_sigmaI                       ? 
_reflns.pdbx_netI_over_sigmaI                          40.8 
_reflns.pdbx_res_netI_over_av_sigmaI_2                 ? 
_reflns.pdbx_res_netI_over_sigmaI_2                    ? 
_reflns.pdbx_chi_squared                               ? 
_reflns.pdbx_scaling_rejects                           ? 
_reflns.pdbx_d_res_high_opt                            ? 
_reflns.pdbx_d_res_low_opt                             ? 
_reflns.pdbx_d_res_opt_method                          ? 
_reflns.phase_calculation_details                      ? 
_reflns.pdbx_Rrim_I_all                                0.034 
_reflns.pdbx_Rpim_I_all                                ? 
_reflns.pdbx_d_opt                                     ? 
_reflns.pdbx_number_measured_all                       ? 
_reflns.pdbx_diffrn_id                                 1 
_reflns.pdbx_ordinal                                   1 
_reflns.pdbx_CC_half                                   1 
_reflns.pdbx_CC_star                                   ? 
_reflns.pdbx_R_split                                   ? 
_reflns.pdbx_aniso_diffraction_limit_axis_1_ortho[1]   ? 
_reflns.pdbx_aniso_diffraction_limit_axis_1_ortho[2]   ? 
_reflns.pdbx_aniso_diffraction_limit_axis_1_ortho[3]   ? 
_reflns.pdbx_aniso_diffraction_limit_axis_2_ortho[1]   ? 
_reflns.pdbx_aniso_diffraction_limit_axis_2_ortho[2]   ? 
_reflns.pdbx_aniso_diffraction_limit_axis_2_ortho[3]   ? 
_reflns.pdbx_aniso_diffraction_limit_axis_3_ortho[1]   ? 
_reflns.pdbx_aniso_diffraction_limit_axis_3_ortho[2]   ? 
_reflns.pdbx_aniso_diffraction_limit_axis_3_ortho[3]   ? 
_reflns.pdbx_aniso_diffraction_limit_1                 ? 
_reflns.pdbx_aniso_diffraction_limit_2                 ? 
_reflns.pdbx_aniso_diffraction_limit_3                 ? 
_reflns.pdbx_aniso_B_tensor_eigenvector_1_ortho[1]     ? 
_reflns.pdbx_aniso_B_tensor_eigenvector_1_ortho[2]     ? 
_reflns.pdbx_aniso_B_tensor_eigenvector_1_ortho[3]     ? 
_reflns.pdbx_aniso_B_tensor_eigenvector_2_ortho[1]     ? 
_reflns.pdbx_aniso_B_tensor_eigenvector_2_ortho[2]     ? 
_reflns.pdbx_aniso_B_tensor_eigenvector_2_ortho[3]     ? 
_reflns.pdbx_aniso_B_tensor_eigenvector_3_ortho[1]     ? 
_reflns.pdbx_aniso_B_tensor_eigenvector_3_ortho[2]     ? 
_reflns.pdbx_aniso_B_tensor_eigenvector_3_ortho[3]     ? 
_reflns.pdbx_aniso_B_tensor_eigenvalue_1               ? 
_reflns.pdbx_aniso_B_tensor_eigenvalue_2               ? 
_reflns.pdbx_aniso_B_tensor_eigenvalue_3               ? 
_reflns.pdbx_orthogonalization_convention              ? 
_reflns.pdbx_percent_possible_ellipsoidal              ? 
_reflns.pdbx_percent_possible_spherical                ? 
_reflns.pdbx_percent_possible_ellipsoidal_anomalous    ? 
_reflns.pdbx_percent_possible_spherical_anomalous      ? 
_reflns.pdbx_redundancy_anomalous                      ? 
_reflns.pdbx_CC_half_anomalous                         ? 
_reflns.pdbx_absDiff_over_sigma_anomalous              ? 
_reflns.pdbx_percent_possible_anomalous                ? 
_reflns.pdbx_observed_signal_threshold                 ? 
_reflns.pdbx_signal_type                               ? 
_reflns.pdbx_signal_details                            ? 
_reflns.pdbx_signal_software_id                        ? 
# 
_reflns_shell.d_res_high                                    1.44 
_reflns_shell.d_res_low                                     1.47 
_reflns_shell.meanI_over_sigI_all                           ? 
_reflns_shell.meanI_over_sigI_obs                           19.1 
_reflns_shell.number_measured_all                           ? 
_reflns_shell.number_measured_obs                           ? 
_reflns_shell.number_possible                               ? 
_reflns_shell.number_unique_all                             ? 
_reflns_shell.number_unique_obs                             305 
_reflns_shell.percent_possible_all                          94.8 
_reflns_shell.percent_possible_obs                          ? 
_reflns_shell.Rmerge_F_all                                  ? 
_reflns_shell.Rmerge_F_obs                                  ? 
_reflns_shell.Rmerge_I_all                                  ? 
_reflns_shell.Rmerge_I_obs                                  0.097 
_reflns_shell.meanI_over_sigI_gt                            ? 
_reflns_shell.meanI_over_uI_all                             ? 
_reflns_shell.meanI_over_uI_gt                              ? 
_reflns_shell.number_measured_gt                            ? 
_reflns_shell.number_unique_gt                              ? 
_reflns_shell.percent_possible_gt                           ? 
_reflns_shell.Rmerge_F_gt                                   ? 
_reflns_shell.Rmerge_I_gt                                   ? 
_reflns_shell.pdbx_redundancy                               13.9 
_reflns_shell.pdbx_Rsym_value                               ? 
_reflns_shell.pdbx_chi_squared                              ? 
_reflns_shell.pdbx_netI_over_sigmaI_all                     ? 
_reflns_shell.pdbx_netI_over_sigmaI_obs                     ? 
_reflns_shell.pdbx_Rrim_I_all                               0.1 
_reflns_shell.pdbx_Rpim_I_all                               ? 
_reflns_shell.pdbx_rejects                                  ? 
_reflns_shell.pdbx_ordinal                                  1 
_reflns_shell.pdbx_diffrn_id                                1 
_reflns_shell.pdbx_CC_half                                  1 
_reflns_shell.pdbx_CC_star                                  ? 
_reflns_shell.pdbx_R_split                                  ? 
_reflns_shell.pdbx_percent_possible_ellipsoidal             ? 
_reflns_shell.pdbx_percent_possible_spherical               ? 
_reflns_shell.pdbx_percent_possible_ellipsoidal_anomalous   ? 
_reflns_shell.pdbx_percent_possible_spherical_anomalous     ? 
_reflns_shell.pdbx_redundancy_anomalous                     ? 
_reflns_shell.pdbx_CC_half_anomalous                        ? 
_reflns_shell.pdbx_absDiff_over_sigma_anomalous             ? 
_reflns_shell.pdbx_percent_possible_anomalous               ? 
# 
_refine.aniso_B[1][1]                            0.2700 
_refine.aniso_B[1][2]                            -0.0000 
_refine.aniso_B[1][3]                            -0.2100 
_refine.aniso_B[2][2]                            0.0400 
_refine.aniso_B[2][3]                            -0.0000 
_refine.aniso_B[3][3]                            -0.2500 
_refine.B_iso_max                                40.960 
_refine.B_iso_mean                               9.8400 
_refine.B_iso_min                                3.950 
_refine.correlation_coeff_Fo_to_Fc               0.9810 
_refine.correlation_coeff_Fo_to_Fc_free          0.9690 
_refine.details                                  'HYDROGENS HAVE BEEN ADDED IN THE RIDING POSITIONS U VALUES      : WITH TLS ADDED' 
_refine.diff_density_max                         ? 
_refine.diff_density_max_esd                     ? 
_refine.diff_density_min                         ? 
_refine.diff_density_min_esd                     ? 
_refine.diff_density_rms                         ? 
_refine.diff_density_rms_esd                     ? 
_refine.entry_id                                 7QDJ 
_refine.pdbx_refine_id                           'X-RAY DIFFRACTION' 
_refine.ls_abs_structure_details                 ? 
_refine.ls_abs_structure_Flack                   ? 
_refine.ls_abs_structure_Flack_esd               ? 
_refine.ls_abs_structure_Rogers                  ? 
_refine.ls_abs_structure_Rogers_esd              ? 
_refine.ls_d_res_high                            1.4400 
_refine.ls_d_res_low                             15.7000 
_refine.ls_extinction_coef                       ? 
_refine.ls_extinction_coef_esd                   ? 
_refine.ls_extinction_expression                 ? 
_refine.ls_extinction_method                     ? 
_refine.ls_goodness_of_fit_all                   ? 
_refine.ls_goodness_of_fit_all_esd               ? 
_refine.ls_goodness_of_fit_obs                   ? 
_refine.ls_goodness_of_fit_obs_esd               ? 
_refine.ls_hydrogen_treatment                    ? 
_refine.ls_matrix_type                           ? 
_refine.ls_number_constraints                    ? 
_refine.ls_number_parameters                     ? 
_refine.ls_number_reflns_all                     ? 
_refine.ls_number_reflns_obs                     4677 
_refine.ls_number_reflns_R_free                  230 
_refine.ls_number_reflns_R_work                  ? 
_refine.ls_number_restraints                     ? 
_refine.ls_percent_reflns_obs                    96.7700 
_refine.ls_percent_reflns_R_free                 4.7000 
_refine.ls_R_factor_all                          ? 
_refine.ls_R_factor_obs                          0.1314 
_refine.ls_R_factor_R_free                       0.1679 
_refine.ls_R_factor_R_free_error                 ? 
_refine.ls_R_factor_R_free_error_details         ? 
_refine.ls_R_factor_R_work                       0.1295 
_refine.ls_R_Fsqd_factor_obs                     ? 
_refine.ls_R_I_factor_obs                        ? 
_refine.ls_redundancy_reflns_all                 ? 
_refine.ls_redundancy_reflns_obs                 ? 
_refine.ls_restrained_S_all                      ? 
_refine.ls_restrained_S_obs                      ? 
_refine.ls_shift_over_esd_max                    ? 
_refine.ls_shift_over_esd_mean                   ? 
_refine.ls_structure_factor_coef                 ? 
_refine.ls_weighting_details                     ? 
_refine.ls_weighting_scheme                      ? 
_refine.ls_wR_factor_all                         ? 
_refine.ls_wR_factor_obs                         ? 
_refine.ls_wR_factor_R_free                      ? 
_refine.ls_wR_factor_R_work                      ? 
_refine.occupancy_max                            ? 
_refine.occupancy_min                            ? 
_refine.solvent_model_details                    MASK 
_refine.solvent_model_param_bsol                 ? 
_refine.solvent_model_param_ksol                 ? 
_refine.pdbx_R_complete                          ? 
_refine.ls_R_factor_gt                           ? 
_refine.ls_goodness_of_fit_gt                    ? 
_refine.ls_goodness_of_fit_ref                   ? 
_refine.ls_shift_over_su_max                     ? 
_refine.ls_shift_over_su_max_lt                  ? 
_refine.ls_shift_over_su_mean                    ? 
_refine.ls_shift_over_su_mean_lt                 ? 
_refine.pdbx_ls_sigma_I                          ? 
_refine.pdbx_ls_sigma_F                          0.000 
_refine.pdbx_ls_sigma_Fsqd                       ? 
_refine.pdbx_data_cutoff_high_absF               ? 
_refine.pdbx_data_cutoff_high_rms_absF           ? 
_refine.pdbx_data_cutoff_low_absF                ? 
_refine.pdbx_isotropic_thermal_model             ? 
_refine.pdbx_ls_cross_valid_method               THROUGHOUT 
_refine.pdbx_method_to_determine_struct          'AB INITIO PHASING' 
_refine.pdbx_starting_model                      ? 
_refine.pdbx_stereochemistry_target_values       'MAXIMUM LIKELIHOOD' 
_refine.pdbx_R_Free_selection_details            RANDOM 
_refine.pdbx_stereochem_target_val_spec_case     ? 
_refine.pdbx_overall_ESU_R                       0.0510 
_refine.pdbx_overall_ESU_R_Free                  0.0520 
_refine.pdbx_solvent_vdw_probe_radii             1.2000 
_refine.pdbx_solvent_ion_probe_radii             0.8000 
_refine.pdbx_solvent_shrinkage_radii             0.8000 
_refine.pdbx_real_space_R                        ? 
_refine.pdbx_density_correlation                 ? 
_refine.pdbx_pd_number_of_powder_patterns        ? 
_refine.pdbx_pd_number_of_points                 ? 
_refine.pdbx_pd_meas_number_of_points            ? 
_refine.pdbx_pd_proc_ls_prof_R_factor            ? 
_refine.pdbx_pd_proc_ls_prof_wR_factor           ? 
_refine.pdbx_pd_Marquardt_correlation_coeff      ? 
_refine.pdbx_pd_Fsqrd_R_factor                   ? 
_refine.pdbx_pd_ls_matrix_band_width             ? 
_refine.pdbx_overall_phase_error                 ? 
_refine.pdbx_overall_SU_R_free_Cruickshank_DPI   ? 
_refine.pdbx_overall_SU_R_free_Blow_DPI          ? 
_refine.pdbx_overall_SU_R_Blow_DPI               ? 
_refine.pdbx_TLS_residual_ADP_flag               ? 
_refine.pdbx_diffrn_id                           1 
_refine.overall_SU_B                             1.1870 
_refine.overall_SU_ML                            0.0210 
_refine.overall_SU_R_Cruickshank_DPI             ? 
_refine.overall_SU_R_free                        ? 
_refine.overall_FOM_free_R_set                   ? 
_refine.overall_FOM_work_R_set                   ? 
_refine.pdbx_average_fsc_overall                 ? 
_refine.pdbx_average_fsc_work                    ? 
_refine.pdbx_average_fsc_free                    ? 
# 
_refine_hist.pdbx_refine_id                   'X-RAY DIFFRACTION' 
_refine_hist.cycle_id                         final 
_refine_hist.details                          ? 
_refine_hist.d_res_high                       1.4400 
_refine_hist.d_res_low                        15.7000 
_refine_hist.number_atoms_solvent             27 
_refine_hist.number_atoms_total               187 
_refine_hist.number_reflns_all                ? 
_refine_hist.number_reflns_obs                ? 
_refine_hist.number_reflns_R_free             ? 
_refine_hist.number_reflns_R_work             ? 
_refine_hist.R_factor_all                     ? 
_refine_hist.R_factor_obs                     ? 
_refine_hist.R_factor_R_free                  ? 
_refine_hist.R_factor_R_work                  ? 
_refine_hist.pdbx_number_residues_total       21 
_refine_hist.pdbx_B_iso_mean_ligand           22.23 
_refine_hist.pdbx_B_iso_mean_solvent          19.57 
_refine_hist.pdbx_number_atoms_protein        145 
_refine_hist.pdbx_number_atoms_nucleic_acid   0 
_refine_hist.pdbx_number_atoms_ligand         15 
_refine_hist.pdbx_number_atoms_lipid          ? 
_refine_hist.pdbx_number_atoms_carb           ? 
_refine_hist.pdbx_pseudo_atom_details         ? 
# 
loop_
_refine_ls_restr.pdbx_refine_id 
_refine_ls_restr.criterion 
_refine_ls_restr.dev_ideal 
_refine_ls_restr.dev_ideal_target 
_refine_ls_restr.number 
_refine_ls_restr.rejects 
_refine_ls_restr.type 
_refine_ls_restr.weight 
_refine_ls_restr.pdbx_restraint_function 
'X-RAY DIFFRACTION' ? 0.026  0.012  175 ? r_bond_refined_d       ? ? 
'X-RAY DIFFRACTION' ? 0.004  0.017  186 ? r_bond_other_d         ? ? 
'X-RAY DIFFRACTION' ? 3.229  1.658  244 ? r_angle_refined_deg    ? ? 
'X-RAY DIFFRACTION' ? 1.463  1.589  413 ? r_angle_other_deg      ? ? 
'X-RAY DIFFRACTION' ? 4.561  5.000  22  ? r_dihedral_angle_1_deg ? ? 
'X-RAY DIFFRACTION' ? 28.246 25.000 4   ? r_dihedral_angle_2_deg ? ? 
'X-RAY DIFFRACTION' ? 9.514  15.000 26  ? r_dihedral_angle_3_deg ? ? 
'X-RAY DIFFRACTION' ? 0.160  0.200  11  ? r_chiral_restr         ? ? 
'X-RAY DIFFRACTION' ? 0.009  0.020  628 ? r_gen_planes_refined   ? ? 
'X-RAY DIFFRACTION' ? 0.001  0.020  100 ? r_gen_planes_other     ? ? 
'X-RAY DIFFRACTION' ? 4.807  3.000  358 ? r_rigid_bond_restr     ? ? 
# 
_refine_ls_shell.pdbx_refine_id                   'X-RAY DIFFRACTION' 
_refine_ls_shell.d_res_high                       1.4400 
_refine_ls_shell.d_res_low                        1.4780 
_refine_ls_shell.number_reflns_all                369 
_refine_ls_shell.number_reflns_obs                ? 
_refine_ls_shell.number_reflns_R_free             18 
_refine_ls_shell.number_reflns_R_work             351 
_refine_ls_shell.percent_reflns_obs               94.6200 
_refine_ls_shell.percent_reflns_R_free            ? 
_refine_ls_shell.R_factor_all                     ? 
_refine_ls_shell.R_factor_obs                     ? 
_refine_ls_shell.R_factor_R_free                  0.1940 
_refine_ls_shell.R_factor_R_free_error            0.0000 
_refine_ls_shell.R_factor_R_work                  0.1500 
_refine_ls_shell.redundancy_reflns_all            ? 
_refine_ls_shell.redundancy_reflns_obs            ? 
_refine_ls_shell.wR_factor_all                    ? 
_refine_ls_shell.wR_factor_obs                    ? 
_refine_ls_shell.wR_factor_R_free                 ? 
_refine_ls_shell.wR_factor_R_work                 ? 
_refine_ls_shell.pdbx_R_complete                  ? 
_refine_ls_shell.pdbx_total_number_of_bins_used   20 
_refine_ls_shell.pdbx_phase_error                 ? 
_refine_ls_shell.pdbx_fsc_work                    ? 
_refine_ls_shell.pdbx_fsc_free                    ? 
# 
_struct.entry_id                     7QDJ 
_struct.title                        'Racemic structure of PK-10 and PK-11' 
_struct.pdbx_model_details           ? 
_struct.pdbx_formula_weight          ? 
_struct.pdbx_formula_weight_method   ? 
_struct.pdbx_model_type_details      ? 
_struct.pdbx_CASP_flag               N 
# 
_struct_keywords.entry_id        7QDJ 
_struct_keywords.text            'alpha-helical, Racemic Structure, De Novo Protein' 
_struct_keywords.pdbx_keywords   'DE NOVO PROTEIN' 
# 
loop_
_struct_asym.id 
_struct_asym.pdbx_blank_PDB_chainid_flag 
_struct_asym.pdbx_modified 
_struct_asym.entity_id 
_struct_asym.details 
A N N 1 ? 
B N N 2 ? 
C N N 3 ? 
D N N 4 ? 
E N N 4 ? 
F N N 5 ? 
# 
_struct_conf.conf_type_id            HELX_P 
_struct_conf.id                      HELX_P1 
_struct_conf.pdbx_PDB_helix_id       AA1 
_struct_conf.beg_label_comp_id       GLY 
_struct_conf.beg_label_asym_id       A 
_struct_conf.beg_label_seq_id        2 
_struct_conf.pdbx_beg_PDB_ins_code   ? 
_struct_conf.end_label_comp_id       GLY 
_struct_conf.end_label_asym_id       A 
_struct_conf.end_label_seq_id        20 
_struct_conf.pdbx_end_PDB_ins_code   ? 
_struct_conf.beg_auth_comp_id        GLY 
_struct_conf.beg_auth_asym_id        A 
_struct_conf.beg_auth_seq_id         1 
_struct_conf.end_auth_comp_id        GLY 
_struct_conf.end_auth_asym_id        A 
_struct_conf.end_auth_seq_id         19 
_struct_conf.pdbx_PDB_helix_class    1 
_struct_conf.details                 ? 
_struct_conf.pdbx_PDB_helix_length   19 
# 
_struct_conf_type.id          HELX_P 
_struct_conf_type.criteria    ? 
_struct_conf_type.reference   ? 
# 
loop_
_struct_conn.id 
_struct_conn.conn_type_id 
_struct_conn.pdbx_leaving_atom_flag 
_struct_conn.pdbx_PDB_id 
_struct_conn.ptnr1_label_asym_id 
_struct_conn.ptnr1_label_comp_id 
_struct_conn.ptnr1_label_seq_id 
_struct_conn.ptnr1_label_atom_id 
_struct_conn.pdbx_ptnr1_label_alt_id 
_struct_conn.pdbx_ptnr1_PDB_ins_code 
_struct_conn.pdbx_ptnr1_standard_comp_id 
_struct_conn.ptnr1_symmetry 
_struct_conn.ptnr2_label_asym_id 
_struct_conn.ptnr2_label_comp_id 
_struct_conn.ptnr2_label_seq_id 
_struct_conn.ptnr2_label_atom_id 
_struct_conn.pdbx_ptnr2_label_alt_id 
_struct_conn.pdbx_ptnr2_PDB_ins_code 
_struct_conn.ptnr1_auth_asym_id 
_struct_conn.ptnr1_auth_comp_id 
_struct_conn.ptnr1_auth_seq_id 
_struct_conn.ptnr2_auth_asym_id 
_struct_conn.ptnr2_auth_comp_id 
_struct_conn.ptnr2_auth_seq_id 
_struct_conn.ptnr2_symmetry 
_struct_conn.pdbx_ptnr3_label_atom_id 
_struct_conn.pdbx_ptnr3_label_seq_id 
_struct_conn.pdbx_ptnr3_label_comp_id 
_struct_conn.pdbx_ptnr3_label_asym_id 
_struct_conn.pdbx_ptnr3_label_alt_id 
_struct_conn.pdbx_ptnr3_PDB_ins_code 
_struct_conn.details 
_struct_conn.pdbx_dist_value 
_struct_conn.pdbx_value_order 
_struct_conn.pdbx_role 
covale1  covale both ? A ACE 1  C ? ? ? 1_555 A GLY 2  N ? ? A ACE 0  A GLY 1  1_555 ? ? ? ? ? ? ? 1.352 ? ? 
covale2  covale both ? A LEU 4  C ? ? ? 1_555 A AIB 5  N ? ? A LEU 3  A AIB 4  1_555 ? ? ? ? ? ? ? 1.328 ? ? 
covale3  covale both ? A AIB 5  C ? ? ? 1_555 A AIB 6  N ? ? A AIB 4  A AIB 5  1_555 ? ? ? ? ? ? ? 1.324 ? ? 
covale4  covale both ? A AIB 6  C ? ? ? 1_555 A LEU 7  N ? ? A AIB 5  A LEU 6  1_555 ? ? ? ? ? ? ? 1.320 ? ? 
covale5  covale both ? A LEU 10 C ? ? ? 1_555 A AIB 11 N ? ? A LEU 9  A AIB 10 1_555 ? ? ? ? ? ? ? 1.318 ? ? 
covale6  covale both ? A AIB 11 C ? ? ? 1_555 A AIB 12 N ? ? A AIB 10 A AIB 11 1_555 ? ? ? ? ? ? ? 1.326 ? ? 
covale7  covale both ? A AIB 12 C ? ? ? 1_555 A LEU 13 N ? ? A AIB 11 A LEU 12 1_555 ? ? ? ? ? ? ? 1.322 ? ? 
covale8  covale both ? A LYS 14 C ? ? ? 1_555 A AIB 15 N ? ? A LYS 13 A AIB 14 1_555 ? ? ? ? ? ? ? 1.350 ? ? 
covale9  covale both ? A AIB 15 C ? ? ? 1_555 A AIB 16 N ? ? A AIB 14 A AIB 15 1_555 ? ? ? ? ? ? ? 1.328 ? ? 
covale10 covale both ? A AIB 16 C ? ? ? 1_555 A AIB 17 N ? ? A AIB 15 A AIB 16 1_555 ? ? ? ? ? ? ? 1.344 ? ? 
covale11 covale both ? A AIB 17 C ? ? ? 1_555 A TRP 18 N ? ? A AIB 16 A TRP 17 1_555 ? ? ? ? ? ? ? 1.327 ? ? 
covale12 covale both ? A GLY 20 C B ? ? 1_555 A NH2 21 N ? ? A GLY 19 A NH2 20 1_555 ? ? ? ? ? ? ? 1.359 ? ? 
# 
_struct_conn_type.id          covale 
_struct_conn_type.criteria    ? 
_struct_conn_type.reference   ? 
# 
_atom_sites.entry_id                    7QDJ 
_atom_sites.Cartn_transf_matrix[1][1]   ? 
_atom_sites.Cartn_transf_matrix[1][2]   ? 
_atom_sites.Cartn_transf_matrix[1][3]   ? 
_atom_sites.Cartn_transf_matrix[2][1]   ? 
_atom_sites.Cartn_transf_matrix[2][2]   ? 
_atom_sites.Cartn_transf_matrix[2][3]   ? 
_atom_sites.Cartn_transf_matrix[3][1]   ? 
_atom_sites.Cartn_transf_matrix[3][2]   ? 
_atom_sites.Cartn_transf_matrix[3][3]   ? 
_atom_sites.Cartn_transf_vector[1]      ? 
_atom_sites.Cartn_transf_vector[2]      ? 
_atom_sites.Cartn_transf_vector[3]      ? 
_atom_sites.fract_transf_matrix[1][1]   0.00437526 
_atom_sites.fract_transf_matrix[1][2]   0.00257377 
_atom_sites.fract_transf_matrix[1][3]   -0.03703812 
_atom_sites.fract_transf_matrix[2][1]   0.03748173 
_atom_sites.fract_transf_matrix[2][2]   -0.03541212 
_atom_sites.fract_transf_matrix[2][3]   0.00196688 
_atom_sites.fract_transf_matrix[3][1]   -0.01192820 
_atom_sites.fract_transf_matrix[3][2]   -0.01286998 
_atom_sites.fract_transf_matrix[3][3]   -0.00440479 
_atom_sites.fract_transf_vector[1]      0.151205 
_atom_sites.fract_transf_vector[2]      0.118360 
_atom_sites.fract_transf_vector[3]      0.062448 
_atom_sites.solution_primary            ? 
_atom_sites.solution_secondary          ? 
_atom_sites.solution_hydrogens          ? 
_atom_sites.special_details             ? 
# 
loop_
_atom_type.symbol 
C  
N  
NA 
O  
# 
loop_
_atom_site.group_PDB 
_atom_site.id 
_atom_site.type_symbol 
_atom_site.label_atom_id 
_atom_site.label_alt_id 
_atom_site.label_comp_id 
_atom_site.label_asym_id 
_atom_site.label_entity_id 
_atom_site.label_seq_id 
_atom_site.pdbx_PDB_ins_code 
_atom_site.Cartn_x 
_atom_site.Cartn_y 
_atom_site.Cartn_z 
_atom_site.occupancy 
_atom_site.B_iso_or_equiv 
_atom_site.pdbx_formal_charge 
_atom_site.auth_seq_id 
_atom_site.auth_comp_id 
_atom_site.auth_asym_id 
_atom_site.auth_atom_id 
_atom_site.pdbx_PDB_model_num 
HETATM 1   C  C   . ACE A 1 1  ? 4.523   14.858  -0.433 1.00 6.51  ? 0   ACE A C   1 
HETATM 2   O  O   . ACE A 1 1  ? 4.302   13.749  -0.850 1.00 6.75  ? 0   ACE A O   1 
HETATM 3   C  CH3 . ACE A 1 1  ? 4.725   16.035  -1.312 1.00 7.87  ? 0   ACE A CH3 1 
ATOM   4   N  N   . GLY A 1 2  ? 4.595   15.094  0.896  1.00 6.94  ? 1   GLY A N   1 
ATOM   5   C  CA  . GLY A 1 2  ? 4.492   13.999  1.852  1.00 7.56  ? 1   GLY A CA  1 
ATOM   6   C  C   . GLY A 1 2  ? 3.165   13.334  1.930  1.00 6.39  ? 1   GLY A C   1 
ATOM   7   O  O   . GLY A 1 2  ? 3.124   12.138  2.202  1.00 6.92  ? 1   GLY A O   1 
ATOM   8   N  N   . GLU A 1 3  ? 2.085   14.052  1.693  1.00 6.55  ? 2   GLU A N   1 
ATOM   9   C  CA  . GLU A 1 3  ? 0.730   13.411  1.726  1.00 6.96  ? 2   GLU A CA  1 
ATOM   10  C  C   . GLU A 1 3  ? 0.611   12.393  0.588  1.00 5.86  ? 2   GLU A C   1 
ATOM   11  O  O   . GLU A 1 3  ? 0.249   11.268  0.819  1.00 8.02  ? 2   GLU A O   1 
ATOM   12  C  CB  . GLU A 1 3  ? -0.315  14.524  1.657  1.00 9.73  ? 2   GLU A CB  1 
ATOM   13  C  CG  . GLU A 1 3  ? -1.755  14.081  1.828  1.00 14.22 ? 2   GLU A CG  1 
ATOM   14  C  CD  . GLU A 1 3  ? -2.695  15.265  2.011  0.70 15.39 ? 2   GLU A CD  1 
ATOM   15  O  OE1 . GLU A 1 3  ? -2.574  16.240  1.259  0.70 14.95 ? 2   GLU A OE1 1 
ATOM   16  O  OE2 . GLU A 1 3  ? -3.526  15.224  2.937  0.70 21.96 ? 2   GLU A OE2 1 
ATOM   17  N  N   . LEU A 1 4  ? 1.004   12.800  -0.596 1.00 5.33  ? 3   LEU A N   1 
ATOM   18  C  CA  . LEU A 1 4  ? 0.998   11.862  -1.703 1.00 4.83  ? 3   LEU A CA  1 
ATOM   19  C  C   . LEU A 1 4  ? 1.948   10.706  -1.458 1.00 4.96  ? 3   LEU A C   1 
ATOM   20  O  O   . LEU A 1 4  ? 1.623   9.540   -1.703 1.00 5.25  ? 3   LEU A O   1 
ATOM   21  C  CB  . LEU A 1 4  ? 1.306   12.551  -3.012 1.00 5.56  ? 3   LEU A CB  1 
ATOM   22  C  CG  . LEU A 1 4  ? 1.355   11.635  -4.237 1.00 6.24  ? 3   LEU A CG  1 
ATOM   23  C  CD1 . LEU A 1 4  ? 0.105   10.817  -4.395 1.00 6.93  ? 3   LEU A CD1 1 
ATOM   24  C  CD2 . LEU A 1 4  ? 1.627   12.451  -5.478 1.00 8.24  ? 3   LEU A CD2 1 
HETATM 25  N  N   . AIB A 1 5  ? 3.155   11.040  -1.015 1.00 5.21  ? 4   AIB A N   1 
HETATM 26  C  CA  . AIB A 1 5  ? 4.177   10.021  -0.827 1.00 4.91  ? 4   AIB A CA  1 
HETATM 27  C  C   . AIB A 1 5  ? 3.637   8.925   0.066  1.00 5.05  ? 4   AIB A C   1 
HETATM 28  O  O   . AIB A 1 5  ? 3.786   7.742   -0.192 1.00 5.28  ? 4   AIB A O   1 
HETATM 29  C  CB1 . AIB A 1 5  ? 5.374   10.643  -0.124 1.00 5.93  ? 4   AIB A CB1 1 
HETATM 30  C  CB2 . AIB A 1 5  ? 4.612   9.470   -2.180 1.00 5.94  ? 4   AIB A CB2 1 
HETATM 31  N  N   . AIB A 1 6  ? 3.026   9.330   1.168  1.00 4.75  ? 5   AIB A N   1 
HETATM 32  C  CA  . AIB A 1 6  ? 2.477   8.395   2.191  1.00 4.76  ? 5   AIB A CA  1 
HETATM 33  C  C   . AIB A 1 6  ? 1.499   7.422   1.510  1.00 3.95  ? 5   AIB A C   1 
HETATM 34  O  O   . AIB A 1 6  ? 1.515   6.252   1.814  1.00 5.00  ? 5   AIB A O   1 
HETATM 35  C  CB1 . AIB A 1 6  ? 1.709   9.235   3.209  1.00 5.81  ? 5   AIB A CB1 1 
HETATM 36  C  CB2 . AIB A 1 6  ? 3.636   7.642   2.840  1.00 5.53  ? 5   AIB A CB2 1 
ATOM   37  N  N   . LEU A 1 7  ? 0.648   7.966   0.660  1.00 4.16  ? 6   LEU A N   1 
ATOM   38  C  CA  . LEU A 1 7  ? -0.410  7.138   0.040  1.00 4.20  ? 6   LEU A CA  1 
ATOM   39  C  C   . LEU A 1 7  ? 0.192   6.067   -0.870 1.00 4.10  ? 6   LEU A C   1 
ATOM   40  O  O   . LEU A 1 7  ? -0.325  5.000   -0.926 1.00 4.99  ? 6   LEU A O   1 
ATOM   41  C  CB  . LEU A 1 7  ? -1.328  8.071   -0.756 1.00 4.31  ? 6   LEU A CB  1 
ATOM   42  C  CG  . LEU A 1 7  ? -2.262  8.922   0.105  1.00 5.14  ? 6   LEU A CG  1 
ATOM   43  C  CD1 . LEU A 1 7  ? -2.880  10.040  -0.713 1.00 6.25  ? 6   LEU A CD1 1 
ATOM   44  C  CD2 . LEU A 1 7  ? -3.352  8.061   0.728  1.00 7.29  ? 6   LEU A CD2 1 
ATOM   45  N  N   . LYS A 1 8  ? 1.310   6.401   -1.511 1.00 4.58  ? 7   LYS A N   1 
ATOM   46  C  CA  . LYS A 1 8  ? 1.941   5.399   -2.398 1.00 5.73  ? 7   LYS A CA  1 
ATOM   47  C  C   . LYS A 1 8  ? 2.538   4.262   -1.571 1.00 5.38  ? 7   LYS A C   1 
ATOM   48  O  O   . LYS A 1 8  ? 2.436   3.138   -1.966 1.00 6.54  ? 7   LYS A O   1 
ATOM   49  C  CB  . LYS A 1 8  ? 2.997   6.048   -3.290 1.00 6.17  ? 7   LYS A CB  1 
ATOM   50  C  CG  . LYS A 1 8  ? 2.421   7.030   -4.295 1.00 7.02  ? 7   LYS A CG  1 
ATOM   51  C  CD  . LYS A 1 8  ? 3.409   7.406   -5.366 1.00 9.42  ? 7   LYS A CD  1 
ATOM   52  C  CE  . LYS A 1 8  ? 2.795   8.351   -6.369 1.00 10.66 ? 7   LYS A CE  1 
ATOM   53  N  NZ  . LYS A 1 8  ? 3.629   8.420   -7.590 0.90 15.13 ? 7   LYS A NZ  1 
ATOM   54  N  N   . GLU A 1 9  ? 3.078   4.578   -0.414 1.00 5.45  ? 8   GLU A N   1 
ATOM   55  C  CA  . GLU A 1 9  ? 3.570   3.542   0.515  1.00 5.87  ? 8   GLU A CA  1 
ATOM   56  C  C   . GLU A 1 9  ? 2.402   2.691   1.042  1.00 5.49  ? 8   GLU A C   1 
ATOM   57  O  O   . GLU A 1 9  ? 2.501   1.496   1.087  1.00 6.00  ? 8   GLU A O   1 
ATOM   58  C  CB  . GLU A 1 9  ? 4.360   4.244   1.619  1.00 8.46  ? 8   GLU A CB  1 
ATOM   59  C  CG  . GLU A 1 9  ? 5.083   3.286   2.523  1.00 10.33 ? 8   GLU A CG  1 
ATOM   60  C  CD  . GLU A 1 9  ? 5.919   3.990   3.575  1.00 11.53 ? 8   GLU A CD  1 
ATOM   61  O  OE1 . GLU A 1 9  ? 5.968   5.225   3.562  1.00 12.62 ? 8   GLU A OE1 1 
ATOM   62  O  OE2 . GLU A 1 9  ? 6.515   3.295   4.372  1.00 17.28 ? 8   GLU A OE2 1 
ATOM   63  N  N   . LEU A 1 10 ? 1.327   3.360   1.430  1.00 4.90  ? 9   LEU A N   1 
ATOM   64  C  CA  . LEU A 1 10 ? 0.116   2.641   1.877  1.00 4.41  ? 9   LEU A CA  1 
ATOM   65  C  C   . LEU A 1 10 ? -0.418  1.730   0.764  1.00 4.93  ? 9   LEU A C   1 
ATOM   66  O  O   . LEU A 1 10 ? -0.704  0.597   1.054  1.00 5.63  ? 9   LEU A O   1 
ATOM   67  C  CB  . LEU A 1 10 ? -0.909  3.709   2.280  1.00 4.50  ? 9   LEU A CB  1 
ATOM   68  C  CG  . LEU A 1 10 ? -2.298  3.172   2.619  1.00 4.55  ? 9   LEU A CG  1 
ATOM   69  C  CD1 . LEU A 1 10 ? -2.225  2.169   3.761  1.00 6.10  ? 9   LEU A CD1 1 
ATOM   70  C  CD2 . LEU A 1 10 ? -3.232  4.315   2.982  1.00 4.87  ? 9   LEU A CD2 1 
HETATM 71  N  N   . AIB A 1 11 ? -0.534  2.272   -0.432 1.00 4.95  ? 10  AIB A N   1 
HETATM 72  C  CA  . AIB A 1 11 ? -1.105  1.511   -1.577 1.00 5.31  ? 10  AIB A CA  1 
HETATM 73  C  C   . AIB A 1 11 ? -0.321  0.191   -1.710 1.00 5.28  ? 10  AIB A C   1 
HETATM 74  O  O   . AIB A 1 11 ? -0.919  -0.833  -1.832 1.00 5.54  ? 10  AIB A O   1 
HETATM 75  C  CB1 . AIB A 1 11 ? -0.918  2.346   -2.839 1.00 6.78  ? 10  AIB A CB1 1 
HETATM 76  C  CB2 . AIB A 1 11 ? -2.576  1.228   -1.278 1.00 6.89  ? 10  AIB A CB2 1 
HETATM 77  N  N   . AIB A 1 12 ? 0.998   0.320   -1.717 1.00 5.05  ? 11  AIB A N   1 
HETATM 78  C  CA  . AIB A 1 12 ? 1.925   -0.823  -1.940 1.00 5.59  ? 11  AIB A CA  1 
HETATM 79  C  C   . AIB A 1 12 ? 1.617   -1.913  -0.901 1.00 5.34  ? 11  AIB A C   1 
HETATM 80  O  O   . AIB A 1 12 ? 1.606   -3.079  -1.238 1.00 5.85  ? 11  AIB A O   1 
HETATM 81  C  CB1 . AIB A 1 12 ? 3.349   -0.311  -1.727 1.00 6.51  ? 11  AIB A CB1 1 
HETATM 82  C  CB2 . AIB A 1 12 ? 1.712   -1.340  -3.359 1.00 6.68  ? 11  AIB A CB2 1 
ATOM   83  N  N   . LEU A 1 13 ? 1.397   -1.484  0.330  1.00 4.58  ? 12  LEU A N   1 
ATOM   84  C  CA  . LEU A 1 13 ? 1.196   -2.419  1.424  1.00 5.18  ? 12  LEU A CA  1 
ATOM   85  C  C   . LEU A 1 13 ? -0.206  -3.030  1.406  1.00 5.04  ? 12  LEU A C   1 
ATOM   86  O  O   . LEU A 1 13 ? -0.354  -4.202  1.703  1.00 6.16  ? 12  LEU A O   1 
ATOM   87  C  CB  . LEU A 1 13 ? 1.424   -1.725  2.751  1.00 6.71  ? 12  LEU A CB  1 
ATOM   88  C  CG  . LEU A 1 13 ? 2.822   -1.365  3.034  0.70 6.05  ? 12  LEU A CG  1 
ATOM   89  C  CD1 . LEU A 1 13 ? 2.938   -0.778  4.445  0.70 8.89  ? 12  LEU A CD1 1 
ATOM   90  C  CD2 . LEU A 1 13 ? 3.823   -2.491  2.868  0.70 7.94  ? 12  LEU A CD2 1 
ATOM   91  N  N   . LYS A 1 14 ? -1.211  -2.258  1.059  1.00 4.97  ? 13  LYS A N   1 
ATOM   92  C  CA  . LYS A 1 14 ? -2.531  -2.843  1.017  1.00 5.98  ? 13  LYS A CA  1 
ATOM   93  C  C   . LYS A 1 14 ? -2.650  -3.882  -0.088 1.00 6.09  ? 13  LYS A C   1 
ATOM   94  O  O   . LYS A 1 14 ? -3.264  -4.932  0.082  1.00 6.64  ? 13  LYS A O   1 
ATOM   95  C  CB  . LYS A 1 14 ? -3.592  -1.791  0.820  1.00 7.75  ? 13  LYS A CB  1 
ATOM   96  C  CG  . LYS A 1 14 ? -3.752  -0.939  2.000  1.00 9.74  ? 13  LYS A CG  1 
ATOM   97  C  CD  . LYS A 1 14 ? -5.010  -0.102  2.096  1.00 10.97 ? 13  LYS A CD  1 
ATOM   98  C  CE  . LYS A 1 14 ? -6.224  -0.821  2.561  1.00 12.73 ? 13  LYS A CE  1 
ATOM   99  N  NZ  . LYS A 1 14 ? -7.321  0.117   2.924  1.00 13.79 ? 13  LYS A NZ  1 
HETATM 100 N  N   . AIB A 1 15 ? -2.018  -3.572  -1.240 1.00 5.94  ? 14  AIB A N   1 
HETATM 101 C  CA  . AIB A 1 15 ? -1.963  -4.525  -2.343 1.00 6.59  ? 14  AIB A CA  1 
HETATM 102 C  C   . AIB A 1 15 ? -1.397  -5.841  -1.830 1.00 6.12  ? 14  AIB A C   1 
HETATM 103 O  O   . AIB A 1 15 ? -1.947  -6.914  -2.033 1.00 6.69  ? 14  AIB A O   1 
HETATM 104 C  CB1 . AIB A 1 15 ? -1.037  -3.951  -3.398 1.00 6.93  ? 14  AIB A CB1 1 
HETATM 105 C  CB2 . AIB A 1 15 ? -3.328  -4.714  -2.946 1.00 7.53  ? 14  AIB A CB2 1 
HETATM 106 N  N   . AIB A 1 16 ? -0.244  -5.733  -1.180 1.00 5.43  ? 15  AIB A N   1 
HETATM 107 C  CA  . AIB A 1 16 ? 0.500   -6.882  -0.726 1.00 5.97  ? 15  AIB A CA  1 
HETATM 108 C  C   . AIB A 1 16 ? -0.371  -7.740  0.193  1.00 6.03  ? 15  AIB A C   1 
HETATM 109 O  O   . AIB A 1 16 ? -0.493  -8.941  0.053  1.00 7.07  ? 15  AIB A O   1 
HETATM 110 C  CB1 . AIB A 1 16 ? 1.718   -6.400  0.058  1.00 6.55  ? 15  AIB A CB1 1 
HETATM 111 C  CB2 . AIB A 1 16 ? 0.972   -7.716  -1.918 1.00 7.46  ? 15  AIB A CB2 1 
HETATM 112 N  N   . AIB A 1 17 ? -0.952  -7.054  1.193  1.00 5.73  ? 16  AIB A N   1 
HETATM 113 C  CA  . AIB A 1 17 ? -1.755  -7.758  2.219  1.00 6.84  ? 16  AIB A CA  1 
HETATM 114 C  C   . AIB A 1 17 ? -2.902  -8.510  1.560  1.00 7.16  ? 16  AIB A C   1 
HETATM 115 O  O   . AIB A 1 17 ? -3.232  -9.621  1.918  1.00 8.81  ? 16  AIB A O   1 
HETATM 116 C  CB1 . AIB A 1 17 ? -2.316  -6.660  3.125  1.00 7.74  ? 16  AIB A CB1 1 
HETATM 117 C  CB2 . AIB A 1 17 ? -0.867  -8.659  3.048  1.00 8.48  ? 16  AIB A CB2 1 
ATOM   118 N  N   . TRP A 1 18 ? -3.538  -7.840  0.607  1.00 6.97  ? 17  TRP A N   1 
ATOM   119 C  CA  A TRP A 1 18 ? -4.702  -8.387  -0.073 0.56 8.23  ? 17  TRP A CA  1 
ATOM   120 C  CA  B TRP A 1 18 ? -4.712  -8.426  0.006  0.44 8.11  ? 17  TRP A CA  1 
ATOM   121 C  C   . TRP A 1 18 ? -4.349  -9.630  -0.844 1.00 8.62  ? 17  TRP A C   1 
ATOM   122 O  O   . TRP A 1 18 ? -5.089  -10.624 -0.896 1.00 9.17  ? 17  TRP A O   1 
ATOM   123 C  CB  A TRP A 1 18 ? -5.204  -7.357  -1.058 0.56 8.11  ? 17  TRP A CB  1 
ATOM   124 C  CB  B TRP A 1 18 ? -5.428  -7.347  -0.774 0.44 8.53  ? 17  TRP A CB  1 
ATOM   125 C  CG  A TRP A 1 18 ? -6.271  -7.730  -2.030 0.56 9.36  ? 17  TRP A CG  1 
ATOM   126 C  CG  B TRP A 1 18 ? -6.729  -7.738  -1.386 0.44 9.43  ? 17  TRP A CG  1 
ATOM   127 C  CD1 A TRP A 1 18 ? -6.150  -7.804  -3.390 0.56 9.81  ? 17  TRP A CD1 1 
ATOM   128 C  CD1 B TRP A 1 18 ? -7.884  -8.102  -0.758 0.44 10.00 ? 17  TRP A CD1 1 
ATOM   129 C  CD2 A TRP A 1 18 ? -7.654  -7.947  -1.753 0.56 9.87  ? 17  TRP A CD2 1 
ATOM   130 C  CD2 B TRP A 1 18 ? -7.001  -7.764  -2.794 0.44 10.14 ? 17  TRP A CD2 1 
ATOM   131 N  NE1 A TRP A 1 18 ? -7.363  -8.066  -3.951 0.56 11.09 ? 17  TRP A NE1 1 
ATOM   132 N  NE1 B TRP A 1 18 ? -8.863  -8.328  -1.685 0.44 11.72 ? 17  TRP A NE1 1 
ATOM   133 C  CE2 A TRP A 1 18 ? -8.326  -8.148  -2.964 0.56 11.18 ? 17  TRP A CE2 1 
ATOM   134 C  CE2 B TRP A 1 18 ? -8.349  -8.179  -2.941 0.44 11.31 ? 17  TRP A CE2 1 
ATOM   135 C  CE3 A TRP A 1 18 ? -8.383  -7.955  -0.592 0.56 10.57 ? 17  TRP A CE3 1 
ATOM   136 C  CE3 B TRP A 1 18 ? -6.193  -7.517  -3.918 0.44 10.57 ? 17  TRP A CE3 1 
ATOM   137 C  CZ2 A TRP A 1 18 ? -9.689  -8.410  -3.032 0.56 13.37 ? 17  TRP A CZ2 1 
ATOM   138 C  CZ2 B TRP A 1 18 ? -8.902  -8.389  -4.210 0.44 12.71 ? 17  TRP A CZ2 1 
ATOM   139 C  CZ3 A TRP A 1 18 ? -9.720  -8.212  -0.631 0.56 12.98 ? 17  TRP A CZ3 1 
ATOM   140 C  CZ3 B TRP A 1 18 ? -6.754  -7.634  -5.161 0.44 12.89 ? 17  TRP A CZ3 1 
ATOM   141 C  CH2 A TRP A 1 18 ? -10.389 -8.419  -1.830 0.56 15.81 ? 17  TRP A CH2 1 
ATOM   142 C  CH2 B TRP A 1 18 ? -8.090  -8.039  -5.280 0.44 14.58 ? 17  TRP A CH2 1 
ATOM   143 N  N   . LYS A 1 19 ? -3.229  -9.601  -1.549 1.00 9.31  ? 18  LYS A N   1 
ATOM   144 C  CA  . LYS A 1 19 ? -2.794  -10.759 -2.351 1.00 11.15 ? 18  LYS A CA  1 
ATOM   145 C  C   . LYS A 1 19 ? -2.167  -11.880 -1.514 1.00 14.34 ? 18  LYS A C   1 
ATOM   146 O  O   . LYS A 1 19 ? -2.171  -13.020 -1.947 0.74 19.38 ? 18  LYS A O   1 
ATOM   147 C  CB  . LYS A 1 19 ? -1.805  -10.254 -3.385 1.00 11.18 ? 18  LYS A CB  1 
ATOM   148 C  CG  . LYS A 1 19 ? -2.460  -9.282  -4.343 1.00 12.55 ? 18  LYS A CG  1 
ATOM   149 C  CD  . LYS A 1 19 ? -1.568  -8.757  -5.355 1.00 15.77 ? 18  LYS A CD  1 
ATOM   150 C  CE  . LYS A 1 19 ? -2.297  -7.703  -6.122 1.00 18.86 ? 18  LYS A CE  1 
ATOM   151 N  NZ  . LYS A 1 19 ? -1.459  -7.123  -7.167 0.81 21.02 ? 18  LYS A NZ  1 
ATOM   152 N  N   A GLY A 1 20 ? -1.473  -11.592 -0.407 0.54 14.66 ? 19  GLY A N   1 
ATOM   153 N  N   B GLY A 1 20 ? -1.995  -11.565 -0.240 0.46 10.48 ? 19  GLY A N   1 
ATOM   154 C  CA  A GLY A 1 20 ? -0.622  -12.580 0.311  0.54 17.27 ? 19  GLY A CA  1 
ATOM   155 C  CA  B GLY A 1 20 ? -1.527  -12.516 0.759  0.46 11.69 ? 19  GLY A CA  1 
ATOM   156 C  C   A GLY A 1 20 ? 0.875   -12.545 -0.025 0.54 25.09 ? 19  GLY A C   1 
ATOM   157 C  C   B GLY A 1 20 ? -2.676  -13.115 1.531  0.46 13.44 ? 19  GLY A C   1 
ATOM   158 O  O   A GLY A 1 20 ? 1.370   -11.381 -0.239 0.54 25.71 ? 19  GLY A O   1 
ATOM   159 O  O   B GLY A 1 20 ? -2.633  -14.202 1.958  0.46 17.70 ? 19  GLY A O   1 
HETATM 160 N  N   . NH2 A 1 21 ? -3.867  -12.485 1.710  0.70 17.63 ? 20  NH2 A N   1 
HETATM 161 C  C1  . MLI B 2 .  ? 5.334   21.937  -7.250 0.50 20.30 ? 101 MLI A C1  1 
HETATM 162 C  C2  . MLI B 2 .  ? 6.791   22.050  -6.568 0.32 15.43 ? 101 MLI A C2  1 
HETATM 163 C  C3  . MLI B 2 .  ? 5.520   20.880  -8.224 0.33 18.45 ? 101 MLI A C3  1 
HETATM 164 O  O6  . MLI B 2 .  ? 7.644   22.937  -6.814 0.51 17.02 ? 101 MLI A O6  1 
HETATM 165 O  O7  . MLI B 2 .  ? 7.016   21.162  -5.776 0.46 13.67 ? 101 MLI A O7  1 
HETATM 166 O  O8  . MLI B 2 .  ? 6.642   20.821  -8.811 0.38 23.97 ? 101 MLI A O8  1 
HETATM 167 O  O9  . MLI B 2 .  ? 4.550   20.102  -8.363 0.17 18.21 ? 101 MLI A O9  1 
HETATM 168 C  C1  . GOL C 3 .  ? -12.600 -8.459  5.517  1.00 25.58 ? 102 GOL A C1  1 
HETATM 169 O  O1  . GOL C 3 .  ? -12.357 -8.744  4.158  0.79 20.84 ? 102 GOL A O1  1 
HETATM 170 C  C2  . GOL C 3 .  ? -13.519 -9.461  6.214  0.55 26.38 ? 102 GOL A C2  1 
HETATM 171 O  O2  . GOL C 3 .  ? -15.046 -9.526  5.979  0.70 17.80 ? 102 GOL A O2  1 
HETATM 172 C  C3  . GOL C 3 .  ? -12.713 -9.175  7.507  1.00 26.45 ? 102 GOL A C3  1 
HETATM 173 O  O3  . GOL C 3 .  ? -13.349 -9.224  8.775  0.54 18.06 ? 102 GOL A O3  1 
HETATM 174 NA NA  . NA  D 4 .  ? 8.089   21.913  -9.665 0.50 29.01 ? 103 NA  A NA  1 
HETATM 175 NA NA  . NA  E 4 .  ? -9.311  13.140  0.850  0.50 28.57 ? 104 NA  A NA  1 
HETATM 176 O  O   . HOH F 5 .  ? 7.471   6.591   1.749  1.00 18.45 ? 201 HOH A O   1 
HETATM 177 O  O   . HOH F 5 .  ? -9.513  -1.505  3.281  0.50 17.22 ? 202 HOH A O   1 
HETATM 178 O  O   . HOH F 5 .  ? -4.428  18.209  1.857  1.00 25.42 ? 203 HOH A O   1 
HETATM 179 O  O   . HOH F 5 .  ? 1.131   -5.553  3.636  0.69 7.91  ? 204 HOH A O   1 
HETATM 180 O  O   . HOH F 5 .  ? -3.544  14.041  5.471  1.00 16.42 ? 205 HOH A O   1 
HETATM 181 O  O   . HOH F 5 .  ? -5.893  14.260  1.794  1.00 34.06 ? 206 HOH A O   1 
HETATM 182 O  O   . HOH F 5 .  ? 4.878   10.951  4.048  1.00 11.04 ? 207 HOH A O   1 
HETATM 183 O  O   . HOH F 5 .  ? 5.135   13.200  -3.487 1.00 11.68 ? 208 HOH A O   1 
HETATM 184 O  O   . HOH F 5 .  ? -4.959  -9.037  4.081  1.00 16.97 ? 209 HOH A O   1 
HETATM 185 O  O   . HOH F 5 .  ? -5.372  -5.014  1.973  1.00 13.66 ? 210 HOH A O   1 
HETATM 186 O  O   . HOH F 5 .  ? 1.036   -6.522  -5.935 0.92 24.72 ? 211 HOH A O   1 
HETATM 187 O  O   . HOH F 5 .  ? 2.956   -4.550  -3.282 1.00 9.18  ? 212 HOH A O   1 
HETATM 188 O  O   . HOH F 5 .  ? -3.051  -0.935  -3.782 1.00 10.65 ? 213 HOH A O   1 
HETATM 189 O  O   . HOH F 5 .  ? 1.977   16.971  1.464  1.00 18.39 ? 214 HOH A O   1 
HETATM 190 O  O   . HOH F 5 .  ? -1.879  10.935  2.853  0.63 7.82  ? 215 HOH A O   1 
HETATM 191 O  O   . HOH F 5 .  ? -8.581  0.326   0.215  1.00 15.31 ? 216 HOH A O   1 
HETATM 192 O  O   . HOH F 5 .  ? 1.138   15.732  -1.322 1.00 10.81 ? 217 HOH A O   1 
HETATM 193 O  O   . HOH F 5 .  ? -5.322  17.367  4.699  1.00 15.49 ? 218 HOH A O   1 
HETATM 194 O  O   . HOH F 5 .  ? 2.511   5.515   -8.737 0.50 11.13 ? 219 HOH A O   1 
HETATM 195 O  O   . HOH F 5 .  ? -0.092  18.226  2.548  1.00 38.01 ? 220 HOH A O   1 
HETATM 196 O  O   . HOH F 5 .  ? -6.490  -7.444  2.718  1.00 21.69 ? 221 HOH A O   1 
HETATM 197 O  O   . HOH F 5 .  ? 4.985   11.239  -5.555 0.83 14.99 ? 222 HOH A O   1 
HETATM 198 O  O   . HOH F 5 .  ? 2.370   -7.264  -7.565 0.50 17.96 ? 223 HOH A O   1 
HETATM 199 O  O   . HOH F 5 .  ? -14.868 -5.676  4.048  1.00 35.41 ? 224 HOH A O   1 
HETATM 200 O  O   . HOH F 5 .  ? -4.660  11.324  2.281  1.00 26.55 ? 225 HOH A O   1 
HETATM 201 O  O   . HOH F 5 .  ? -0.289  20.368  1.725  1.00 40.96 ? 226 HOH A O   1 
HETATM 202 O  O   . HOH F 5 .  ? -7.129  13.255  -0.116 1.00 20.46 ? 227 HOH A O   1 
# 
loop_
_atom_site_anisotrop.id 
_atom_site_anisotrop.type_symbol 
_atom_site_anisotrop.pdbx_label_atom_id 
_atom_site_anisotrop.pdbx_label_alt_id 
_atom_site_anisotrop.pdbx_label_comp_id 
_atom_site_anisotrop.pdbx_label_asym_id 
_atom_site_anisotrop.pdbx_label_seq_id 
_atom_site_anisotrop.pdbx_PDB_ins_code 
_atom_site_anisotrop.U[1][1] 
_atom_site_anisotrop.U[2][2] 
_atom_site_anisotrop.U[3][3] 
_atom_site_anisotrop.U[1][2] 
_atom_site_anisotrop.U[1][3] 
_atom_site_anisotrop.U[2][3] 
_atom_site_anisotrop.pdbx_auth_seq_id 
_atom_site_anisotrop.pdbx_auth_comp_id 
_atom_site_anisotrop.pdbx_auth_asym_id 
_atom_site_anisotrop.pdbx_auth_atom_id 
1   C  C   . ACE A 1  ? 0.0731 0.0739 0.1004 -0.0316 -0.0040 0.0130  0   ACE A C   
2   O  O   . ACE A 1  ? 0.0917 0.0703 0.0944 -0.0279 -0.0057 0.0017  0   ACE A O   
3   C  CH3 . ACE A 1  ? 0.1167 0.0701 0.1121 -0.0387 0.0104  0.0087  0   ACE A CH3 
4   N  N   . GLY A 2  ? 0.0971 0.0622 0.1041 -0.0124 0.0034  -0.0021 1   GLY A N   
5   C  CA  . GLY A 2  ? 0.1074 0.0798 0.1001 -0.0094 -0.0131 0.0102  1   GLY A CA  
6   C  C   . GLY A 2  ? 0.1188 0.0634 0.0605 -0.0177 -0.0093 -0.0116 1   GLY A C   
7   O  O   . GLY A 2  ? 0.1189 0.0694 0.0744 -0.0085 -0.0030 -0.0028 1   GLY A O   
8   N  N   . GLU A 3  ? 0.1040 0.0639 0.0808 -0.0278 0.0000  0.0047  2   GLU A N   
9   C  CA  . GLU A 3  ? 0.1078 0.0832 0.0732 -0.0368 0.0110  -0.0024 2   GLU A CA  
10  C  C   . GLU A 3  ? 0.0787 0.0798 0.0641 -0.0232 -0.0108 0.0033  2   GLU A C   
11  O  O   . GLU A 3  ? 0.1246 0.1003 0.0796 -0.0537 0.0087  0.0096  2   GLU A O   
12  C  CB  . GLU A 3  ? 0.1243 0.1470 0.0982 -0.0077 0.0198  -0.0177 2   GLU A CB  
13  C  CG  . GLU A 3  ? 0.1466 0.2446 0.1491 -0.0572 0.0225  -0.0014 2   GLU A CG  
14  C  CD  . GLU A 3  ? 0.1741 0.2209 0.1895 -0.0088 0.0855  0.0222  2   GLU A CD  
15  O  OE1 . GLU A 3  ? 0.1850 0.2375 0.1454 0.0618  0.0391  0.0114  2   GLU A OE1 
16  O  OE2 . GLU A 3  ? 0.2104 0.3676 0.2562 0.0246  0.1324  0.1485  2   GLU A OE2 
17  N  N   . LEU A 4  ? 0.0635 0.0638 0.0749 -0.0172 -0.0012 0.0024  3   LEU A N   
18  C  CA  . LEU A 4  ? 0.0536 0.0601 0.0695 -0.0176 0.0095  0.0040  3   LEU A CA  
19  C  C   . LEU A 4  ? 0.0662 0.0627 0.0596 -0.0110 0.0038  -0.0008 3   LEU A C   
20  O  O   . LEU A 4  ? 0.0618 0.0689 0.0687 -0.0263 -0.0029 0.0009  3   LEU A O   
21  C  CB  . LEU A 4  ? 0.0747 0.0685 0.0677 0.0014  0.0001  0.0106  3   LEU A CB  
22  C  CG  . LEU A 4  ? 0.0895 0.0764 0.0709 0.0012  0.0125  0.0032  3   LEU A CG  
23  C  CD1 . LEU A 4  ? 0.1020 0.0883 0.0728 -0.0062 -0.0040 -0.0012 3   LEU A CD1 
24  C  CD2 . LEU A 4  ? 0.1330 0.1004 0.0797 -0.0142 0.0087  0.0162  3   LEU A CD2 
25  N  N   . AIB A 5  ? 0.0623 0.0616 0.0739 -0.0053 0.0036  0.0060  4   AIB A N   
26  C  CA  . AIB A 5  ? 0.0505 0.0569 0.0790 -0.0123 0.0107  0.0017  4   AIB A CA  
27  C  C   . AIB A 5  ? 0.0557 0.0556 0.0805 -0.0242 -0.0003 0.0005  4   AIB A C   
28  O  O   . AIB A 5  ? 0.0606 0.0642 0.0755 -0.0100 -0.0010 -0.0057 4   AIB A O   
29  C  CB1 . AIB A 5  ? 0.0579 0.0750 0.0923 -0.0129 -0.0024 0.0025  4   AIB A CB1 
30  C  CB2 . AIB A 5  ? 0.0706 0.0749 0.0801 -0.0227 0.0086  -0.0052 4   AIB A CB2 
31  N  N   . AIB A 6  ? 0.0703 0.0405 0.0694 -0.0189 -0.0083 -0.0028 5   AIB A N   
32  C  CA  . AIB A 6  ? 0.0662 0.0526 0.0618 -0.0173 -0.0027 -0.0026 5   AIB A CA  
33  C  C   . AIB A 6  ? 0.0607 0.0483 0.0408 -0.0145 0.0119  -0.0056 5   AIB A C   
34  O  O   . AIB A 6  ? 0.0708 0.0502 0.0688 -0.0089 0.0033  0.0018  5   AIB A O   
35  C  CB1 . AIB A 6  ? 0.0983 0.0560 0.0664 -0.0146 0.0057  -0.0021 5   AIB A CB1 
36  C  CB2 . AIB A 6  ? 0.0736 0.0661 0.0703 -0.0178 -0.0137 -0.0029 5   AIB A CB2 
37  N  N   . LEU A 7  ? 0.0552 0.0355 0.0671 -0.0028 0.0125  0.0043  6   LEU A N   
38  C  CA  . LEU A 7  ? 0.0426 0.0580 0.0588 -0.0001 0.0166  -0.0051 6   LEU A CA  
39  C  C   . LEU A 7  ? 0.0458 0.0552 0.0548 0.0077  0.0070  -0.0013 6   LEU A C   
40  O  O   . LEU A 7  ? 0.0509 0.0476 0.0910 0.0012  0.0044  -0.0044 6   LEU A O   
41  C  CB  . LEU A 7  ? 0.0471 0.0551 0.0615 -0.0027 0.0182  0.0030  6   LEU A CB  
42  C  CG  . LEU A 7  ? 0.0700 0.0623 0.0628 0.0135  0.0205  0.0036  6   LEU A CG  
43  C  CD1 . LEU A 7  ? 0.0696 0.0764 0.0912 0.0180  0.0219  0.0155  6   LEU A CD1 
44  C  CD2 . LEU A 7  ? 0.0765 0.0835 0.1169 0.0116  0.0347  0.0158  6   LEU A CD2 
45  N  N   . LYS A 8  ? 0.0549 0.0590 0.0600 -0.0132 0.0102  -0.0152 7   LYS A N   
46  C  CA  . LYS A 8  ? 0.0790 0.0800 0.0584 -0.0088 0.0182  -0.0236 7   LYS A CA  
47  C  C   . LYS A 8  ? 0.0498 0.0732 0.0814 -0.0049 0.0165  -0.0285 7   LYS A C   
48  O  O   . LYS A 8  ? 0.0758 0.0712 0.1014 0.0058  0.0030  -0.0411 7   LYS A O   
49  C  CB  . LYS A 8  ? 0.0716 0.0967 0.0659 -0.0207 0.0213  -0.0225 7   LYS A CB  
50  C  CG  . LYS A 8  ? 0.0988 0.1019 0.0658 -0.0189 0.0242  -0.0210 7   LYS A CG  
51  C  CD  . LYS A 8  ? 0.1070 0.1613 0.0897 -0.0129 0.0399  -0.0065 7   LYS A CD  
52  C  CE  . LYS A 8  ? 0.1209 0.1692 0.1150 -0.0277 0.0318  0.0145  7   LYS A CE  
53  N  NZ  . LYS A 8  ? 0.1528 0.2861 0.1360 -0.0138 0.0471  0.0331  7   LYS A NZ  
54  N  N   . GLU A 9  ? 0.0468 0.0773 0.0829 -0.0023 0.0109  -0.0236 8   GLU A N   
55  C  CA  . GLU A 9  ? 0.0548 0.0774 0.0905 0.0127  0.0168  -0.0253 8   GLU A CA  
56  C  C   . GLU A 9  ? 0.0613 0.0611 0.0859 0.0088  0.0040  -0.0166 8   GLU A C   
57  O  O   . GLU A 9  ? 0.0595 0.0650 0.1033 0.0088  0.0062  -0.0212 8   GLU A O   
58  C  CB  . GLU A 9  ? 0.0835 0.1253 0.1123 0.0085  0.0034  -0.0536 8   GLU A CB  
59  C  CG  . GLU A 9  ? 0.0937 0.1628 0.1357 0.0059  0.0143  -0.0347 8   GLU A CG  
60  C  CD  . GLU A 9  ? 0.0828 0.1733 0.1816 -0.0190 -0.0130 -0.0314 8   GLU A CD  
61  O  OE1 . GLU A 9  ? 0.1149 0.1960 0.1682 0.0241  -0.0256 -0.0480 8   GLU A OE1 
62  O  OE2 . GLU A 9  ? 0.1279 0.3690 0.1594 -0.0077 -0.0333 0.0143  8   GLU A OE2 
63  N  N   . LEU A 10 ? 0.0588 0.0381 0.0893 -0.0004 0.0058  -0.0153 9   LEU A N   
64  C  CA  . LEU A 10 ? 0.0515 0.0465 0.0695 0.0067  -0.0005 -0.0021 9   LEU A CA  
65  C  C   . LEU A 10 ? 0.0493 0.0512 0.0865 0.0098  0.0004  -0.0134 9   LEU A C   
66  O  O   . LEU A 10 ? 0.0590 0.0503 0.1046 0.0027  0.0161  -0.0081 9   LEU A O   
67  C  CB  . LEU A 10 ? 0.0518 0.0496 0.0695 0.0024  0.0109  -0.0036 9   LEU A CB  
68  C  CG  . LEU A 10 ? 0.0506 0.0540 0.0681 -0.0051 0.0069  -0.0088 9   LEU A CG  
69  C  CD1 . LEU A 10 ? 0.0722 0.0677 0.0919 -0.0103 0.0035  0.0039  9   LEU A CD1 
70  C  CD2 . LEU A 10 ? 0.0459 0.0692 0.0695 -0.0032 0.0317  -0.0084 9   LEU A CD2 
71  N  N   . AIB A 11 ? 0.0578 0.0456 0.0843 0.0023  0.0011  -0.0102 10  AIB A N   
72  C  CA  . AIB A 11 ? 0.0567 0.0502 0.0948 0.0001  -0.0044 -0.0175 10  AIB A CA  
73  C  C   . AIB A 11 ? 0.0603 0.0506 0.0898 0.0016  0.0043  -0.0122 10  AIB A C   
74  O  O   . AIB A 11 ? 0.0639 0.0556 0.0908 -0.0079 0.0127  -0.0039 10  AIB A O   
75  C  CB1 . AIB A 11 ? 0.0928 0.0705 0.0941 0.0174  -0.0146 -0.0108 10  AIB A CB1 
76  C  CB2 . AIB A 11 ? 0.0516 0.0730 0.1372 0.0050  -0.0149 -0.0251 10  AIB A CB2 
77  N  N   . AIB A 12 ? 0.0620 0.0390 0.0910 -0.0011 0.0148  -0.0078 11  AIB A N   
78  C  CA  . AIB A 12 ? 0.0657 0.0535 0.0930 0.0064  0.0261  -0.0113 11  AIB A CA  
79  C  C   . AIB A 12 ? 0.0588 0.0562 0.0878 -0.0054 0.0146  -0.0130 11  AIB A C   
80  O  O   . AIB A 12 ? 0.0808 0.0591 0.0821 0.0059  0.0116  -0.0147 11  AIB A O   
81  C  CB1 . AIB A 12 ? 0.0647 0.0679 0.1146 0.0072  0.0237  -0.0097 11  AIB A CB1 
82  C  CB2 . AIB A 12 ? 0.1004 0.0622 0.0912 0.0048  0.0357  -0.0088 11  AIB A CB2 
83  N  N   . LEU A 13 ? 0.0490 0.0420 0.0827 0.0046  0.0036  -0.0097 12  LEU A N   
84  C  CA  . LEU A 13 ? 0.0650 0.0493 0.0825 0.0045  0.0020  -0.0115 12  LEU A CA  
85  C  C   . LEU A 13 ? 0.0646 0.0511 0.0757 0.0056  0.0101  -0.0108 12  LEU A C   
86  O  O   . LEU A 13 ? 0.0822 0.0556 0.0962 0.0049  0.0152  -0.0035 12  LEU A O   
87  C  CB  . LEU A 13 ? 0.0909 0.0594 0.1045 -0.0003 -0.0119 -0.0315 12  LEU A CB  
88  C  CG  . LEU A 13 ? 0.0997 0.0455 0.0844 -0.0186 -0.0319 -0.0072 12  LEU A CG  
89  C  CD1 . LEU A 13 ? 0.1376 0.0843 0.1157 -0.0233 -0.0721 -0.0355 12  LEU A CD1 
90  C  CD2 . LEU A 13 ? 0.1000 0.0589 0.1425 -0.0210 -0.0352 -0.0298 12  LEU A CD2 
91  N  N   . LYS A 14 ? 0.0554 0.0457 0.0877 -0.0046 0.0197  -0.0022 13  LYS A N   
92  C  CA  . LYS A 14 ? 0.0584 0.0552 0.1134 -0.0151 0.0250  -0.0032 13  LYS A CA  
93  C  C   . LYS A 14 ? 0.0521 0.0673 0.1118 -0.0090 0.0064  -0.0053 13  LYS A C   
94  O  O   . LYS A 14 ? 0.0767 0.0671 0.1085 -0.0279 0.0044  0.0049  13  LYS A O   
95  C  CB  . LYS A 14 ? 0.0733 0.0789 0.1421 -0.0049 0.0152  -0.0080 13  LYS A CB  
96  C  CG  . LYS A 14 ? 0.1370 0.1099 0.1229 0.0225  -0.0045 0.0033  13  LYS A CG  
97  C  CD  . LYS A 14 ? 0.1353 0.1532 0.1284 0.0411  -0.0211 -0.0029 13  LYS A CD  
98  C  CE  . LYS A 14 ? 0.1549 0.1338 0.1947 0.0155  -0.0432 0.0016  13  LYS A CE  
99  N  NZ  . LYS A 14 ? 0.1376 0.2120 0.1743 0.0080  0.0095  -0.0126 13  LYS A NZ  
100 N  N   . AIB A 15 ? 0.0676 0.0492 0.1087 -0.0165 0.0089  -0.0008 14  AIB A N   
101 C  CA  . AIB A 15 ? 0.0835 0.0736 0.0929 -0.0207 -0.0007 -0.0032 14  AIB A CA  
102 C  C   . AIB A 15 ? 0.0927 0.0648 0.0751 -0.0183 0.0082  -0.0090 14  AIB A C   
103 O  O   . AIB A 15 ? 0.0737 0.0760 0.1043 -0.0215 0.0016  -0.0114 14  AIB A O   
104 C  CB1 . AIB A 15 ? 0.1010 0.0765 0.0856 -0.0316 0.0012  -0.0083 14  AIB A CB1 
105 C  CB2 . AIB A 15 ? 0.0963 0.0847 0.1051 -0.0304 -0.0155 0.0145  14  AIB A CB2 
106 N  N   . AIB A 16 ? 0.0727 0.0486 0.0848 -0.0193 0.0188  -0.0141 15  AIB A N   
107 C  CA  . AIB A 16 ? 0.0816 0.0513 0.0938 -0.0080 0.0169  -0.0166 15  AIB A CA  
108 C  C   . AIB A 16 ? 0.0802 0.0548 0.0937 -0.0086 0.0019  0.0010  15  AIB A C   
109 O  O   . AIB A 16 ? 0.0944 0.0596 0.1143 -0.0116 -0.0021 -0.0055 15  AIB A O   
110 C  CB1 . AIB A 16 ? 0.0740 0.0611 0.1136 -0.0067 0.0134  -0.0070 15  AIB A CB1 
111 C  CB2 . AIB A 16 ? 0.1008 0.0669 0.1157 -0.0040 0.0316  -0.0264 15  AIB A CB2 
112 N  N   . AIB A 17 ? 0.0752 0.0508 0.0914 -0.0198 0.0053  0.0018  16  AIB A N   
113 C  CA  . AIB A 17 ? 0.0800 0.0783 0.1015 -0.0274 0.0007  0.0138  16  AIB A CA  
114 C  C   . AIB A 17 ? 0.0834 0.0870 0.1015 -0.0316 0.0046  0.0042  16  AIB A C   
115 O  O   . AIB A 17 ? 0.1063 0.1028 0.1257 -0.0435 0.0039  0.0265  16  AIB A O   
116 C  CB1 . AIB A 17 ? 0.0922 0.1029 0.0989 -0.0277 0.0207  0.0130  16  AIB A CB1 
117 C  CB2 . AIB A 17 ? 0.1052 0.0960 0.1208 -0.0197 -0.0008 0.0265  16  AIB A CB2 
118 N  N   . TRP A 18 ? 0.0735 0.0811 0.1102 -0.0393 -0.0017 0.0123  17  TRP A N   
119 C  CA  A TRP A 18 ? 0.0782 0.0996 0.1349 -0.0491 -0.0075 0.0122  17  TRP A CA  
120 C  CA  B TRP A 18 ? 0.0759 0.0951 0.1369 -0.0463 -0.0104 0.0187  17  TRP A CA  
121 C  C   . TRP A 18 ? 0.0902 0.1111 0.1259 -0.0531 -0.0314 0.0007  17  TRP A C   
122 O  O   . TRP A 18 ? 0.1019 0.0918 0.1546 -0.0507 -0.0339 0.0120  17  TRP A O   
123 C  CB  A TRP A 18 ? 0.0805 0.0885 0.1391 -0.0331 -0.0167 -0.0035 17  TRP A CB  
124 C  CB  B TRP A 18 ? 0.0742 0.0916 0.1580 -0.0482 -0.0267 0.0177  17  TRP A CB  
125 C  CG  A TRP A 18 ? 0.1246 0.0771 0.1537 -0.0249 -0.0464 -0.0087 17  TRP A CG  
126 C  CG  B TRP A 18 ? 0.0832 0.0927 0.1825 -0.0409 -0.0523 0.0365  17  TRP A CG  
127 C  CD1 A TRP A 18 ? 0.1639 0.0564 0.1521 -0.0210 -0.0535 -0.0034 17  TRP A CD1 
128 C  CD1 B TRP A 18 ? 0.0899 0.0848 0.2053 -0.0406 -0.0404 0.0363  17  TRP A CD1 
129 C  CD2 A TRP A 18 ? 0.1272 0.0585 0.1890 -0.0265 -0.0482 -0.0044 17  TRP A CD2 
130 C  CD2 B TRP A 18 ? 0.1193 0.0727 0.1933 -0.0362 -0.0781 0.0360  17  TRP A CD2 
131 N  NE1 A TRP A 18 ? 0.1834 0.0520 0.1858 -0.0397 -0.0784 0.0140  17  TRP A NE1 
132 N  NE1 B TRP A 18 ? 0.1095 0.0838 0.2520 -0.0395 -0.0791 0.0610  17  TRP A NE1 
133 C  CE2 A TRP A 18 ? 0.1603 0.0561 0.2081 -0.0262 -0.0778 0.0045  17  TRP A CE2 
134 C  CE2 B TRP A 18 ? 0.1230 0.0779 0.2286 -0.0382 -0.0959 0.0428  17  TRP A CE2 
135 C  CE3 A TRP A 18 ? 0.1183 0.0819 0.2011 -0.0328 -0.0408 -0.0110 17  TRP A CE3 
136 C  CE3 B TRP A 18 ? 0.1391 0.0906 0.1719 -0.0220 -0.0782 0.0162  17  TRP A CE3 
137 C  CZ2 A TRP A 18 ? 0.1702 0.0585 0.2793 -0.0376 -0.1209 0.0179  17  TRP A CZ2 
138 C  CZ2 B TRP A 18 ? 0.1509 0.0759 0.2560 -0.0538 -0.1349 0.0506  17  TRP A CZ2 
139 C  CZ3 A TRP A 18 ? 0.1180 0.1011 0.2740 -0.0394 -0.0531 -0.0187 17  TRP A CZ3 
140 C  CZ3 B TRP A 18 ? 0.2013 0.1038 0.1846 -0.0495 -0.1038 0.0194  17  TRP A CZ3 
141 C  CH2 A TRP A 18 ? 0.1887 0.1072 0.3045 -0.0102 -0.1085 -0.0125 17  TRP A CH2 
142 C  CH2 B TRP A 18 ? 0.2076 0.1247 0.2216 -0.0594 -0.1306 0.0293  17  TRP A CH2 
143 N  N   . LYS A 19 ? 0.1127 0.0957 0.1451 -0.0604 -0.0057 -0.0216 18  LYS A N   
144 C  CA  . LYS A 19 ? 0.1497 0.0994 0.1744 -0.0552 -0.0126 -0.0376 18  LYS A CA  
145 C  C   . LYS A 19 ? 0.2462 0.0987 0.1999 -0.0387 -0.0304 -0.0296 18  LYS A C   
146 O  O   . LYS A 19 ? 0.4130 0.0927 0.2303 -0.0335 -0.1104 -0.0526 18  LYS A O   
147 C  CB  . LYS A 19 ? 0.1530 0.1285 0.1433 -0.0481 -0.0114 -0.0521 18  LYS A CB  
148 C  CG  . LYS A 19 ? 0.1766 0.1680 0.1320 -0.0427 -0.0092 -0.0485 18  LYS A CG  
149 C  CD  . LYS A 19 ? 0.2523 0.1800 0.1668 -0.0576 0.0198  -0.0208 18  LYS A CD  
150 C  CE  . LYS A 19 ? 0.3000 0.2140 0.2024 -0.0056 0.0498  -0.0072 18  LYS A CE  
151 N  NZ  . LYS A 19 ? 0.3249 0.2661 0.2076 -0.0179 0.0689  -0.0018 18  LYS A NZ  
152 N  N   A GLY A 20 ? 0.1922 0.1236 0.2409 -0.0287 -0.0529 -0.0284 19  GLY A N   
153 N  N   B GLY A 20 ? 0.1419 0.0731 0.1829 -0.0199 0.0111  -0.0146 19  GLY A N   
154 C  CA  A GLY A 20 ? 0.2424 0.1117 0.3019 -0.0093 -0.0220 0.0145  19  GLY A CA  
155 C  CA  B GLY A 20 ? 0.1446 0.0812 0.2183 -0.0130 0.0302  0.0207  19  GLY A CA  
156 C  C   A GLY A 20 ? 0.2047 0.3754 0.3728 -0.1125 -0.1191 -0.0247 19  GLY A C   
157 C  C   B GLY A 20 ? 0.1721 0.0758 0.2625 -0.0124 0.0408  0.0649  19  GLY A C   
158 O  O   A GLY A 20 ? 0.1423 0.3038 0.5307 0.0064  -0.0755 0.0810  19  GLY A O   
159 O  O   B GLY A 20 ? 0.2740 0.0938 0.3047 -0.0161 0.0163  0.1015  19  GLY A O   
160 N  N   . NH2 A 21 ? 0.2462 0.1482 0.2751 -0.0278 0.0627  -0.0271 20  NH2 A N   
161 C  C1  . MLI B .  ? 0.2590 0.3635 0.1488 0.0087  -0.0473 -0.0252 101 MLI A C1  
162 C  C2  . MLI B .  ? 0.2428 0.2599 0.0833 -0.0255 -0.0311 0.0390  101 MLI A C2  
163 C  C3  . MLI B .  ? 0.2007 0.2544 0.2457 0.0359  0.0211  0.0056  101 MLI A C3  
164 O  O6  . MLI B .  ? 0.3539 0.1693 0.1233 0.0007  0.0413  0.0040  101 MLI A O6  
165 O  O7  . MLI B .  ? 0.1394 0.2225 0.1573 -0.0586 -0.0207 0.0524  101 MLI A O7  
166 O  O8  . MLI B .  ? 0.2704 0.3618 0.2782 -0.0279 0.1024  0.0150  101 MLI A O8  
167 O  O9  . MLI B .  ? 0.1783 0.3184 0.1952 -0.0124 0.1120  0.0712  101 MLI A O9  
168 C  C1  . GOL C .  ? 0.3298 0.3415 0.3004 0.0221  -0.0434 -0.0695 102 GOL A C1  
169 O  O1  . GOL C .  ? 0.2968 0.1914 0.3035 0.0320  -0.0101 0.0051  102 GOL A O1  
170 C  C2  . GOL C .  ? 0.4176 0.3744 0.2104 0.0247  0.0594  -0.0374 102 GOL A C2  
171 O  O2  . GOL C .  ? 0.3437 0.2024 0.1302 0.1396  0.0856  -0.0012 102 GOL A O2  
172 C  C3  . GOL C .  ? 0.2941 0.3131 0.3976 0.0905  -0.0030 0.0082  102 GOL A C3  
173 O  O3  . GOL C .  ? 0.2158 0.1886 0.2815 -0.0550 -0.0443 -0.0599 102 GOL A O3  
174 NA NA  . NA  D .  ? 0.4259 0.2897 0.3864 -0.0416 0.0206  -0.0940 103 NA  A NA  
175 NA NA  . NA  E .  ? 0.3483 0.3411 0.3958 0.0554  0.0044  0.0758  104 NA  A NA  
176 O  O   . HOH F .  ? 0.1826 0.3176 0.2005 -0.0466 -0.0014 -0.0403 201 HOH A O   
177 O  O   . HOH F .  ? 0.1230 0.3184 0.2127 -0.1233 0.0247  -0.0199 202 HOH A O   
178 O  O   . HOH F .  ? 0.2857 0.4380 0.2419 0.1080  0.0649  0.0386  203 HOH A O   
179 O  O   . HOH F .  ? 0.1271 0.0834 0.0899 -0.0043 0.0113  -0.0042 204 HOH A O   
180 O  O   . HOH F .  ? 0.1437 0.2476 0.2323 -0.0046 0.0018  0.0377  205 HOH A O   
181 O  O   . HOH F .  ? 0.4403 0.4770 0.3767 -0.0730 0.0898  -0.2554 206 HOH A O   
182 O  O   . HOH F .  ? 0.1804 0.0862 0.1528 -0.0105 -0.0601 0.0109  207 HOH A O   
183 O  O   . HOH F .  ? 0.1669 0.1486 0.1279 -0.0496 0.0130  -0.0205 208 HOH A O   
184 O  O   . HOH F .  ? 0.2731 0.2031 0.1685 -0.1215 0.0909  -0.0543 209 HOH A O   
185 O  O   . HOH F .  ? 0.1341 0.2017 0.1829 -0.0020 0.0109  -0.0255 210 HOH A O   
186 O  O   . HOH F .  ? 0.2944 0.3020 0.3428 0.0074  0.0364  0.0405  211 HOH A O   
187 O  O   . HOH F .  ? 0.1068 0.0982 0.1437 0.0108  0.0305  -0.0100 212 HOH A O   
188 O  O   . HOH F .  ? 0.1316 0.1179 0.1549 0.0085  -0.0414 -0.0056 213 HOH A O   
189 O  O   . HOH F .  ? 0.2169 0.1055 0.3760 0.0197  -0.0069 -0.0288 214 HOH A O   
190 O  O   . HOH F .  ? 0.0982 0.1187 0.0801 -0.0400 0.0133  -0.0113 215 HOH A O   
191 O  O   . HOH F .  ? 0.2150 0.2025 0.1640 0.0060  -0.0095 0.0208  216 HOH A O   
192 O  O   . HOH F .  ? 0.1354 0.1352 0.1399 -0.0194 -0.0115 0.0021  217 HOH A O   
193 O  O   . HOH F .  ? 0.1676 0.2553 0.1655 -0.0567 -0.0129 -0.0090 218 HOH A O   
194 O  O   . HOH F .  ? 0.1874 0.1235 0.1118 0.0082  -0.0363 -0.0048 219 HOH A O   
195 O  O   . HOH F .  ? 0.3459 0.3882 0.7099 -0.0804 0.1552  0.0407  220 HOH A O   
196 O  O   . HOH F .  ? 0.2108 0.3894 0.2239 -0.0537 0.0851  -0.0293 221 HOH A O   
197 O  O   . HOH F .  ? 0.1988 0.1998 0.1710 0.0360  0.0001  -0.0157 222 HOH A O   
198 O  O   . HOH F .  ? 0.1936 0.1341 0.3544 -0.0577 -0.0329 0.0641  223 HOH A O   
199 O  O   . HOH F .  ? 0.3427 0.3720 0.6304 -0.0886 0.0305  0.0223  224 HOH A O   
200 O  O   . HOH F .  ? 0.2766 0.4021 0.3299 0.0087  0.1799  -0.0242 225 HOH A O   
201 O  O   . HOH F .  ? 0.4338 0.7059 0.4163 0.1422  -0.1514 -0.0902 226 HOH A O   
202 O  O   . HOH F .  ? 0.2994 0.2620 0.2159 -0.0998 0.1269  -0.1501 227 HOH A O   
# 
loop_
_pdbx_poly_seq_scheme.asym_id 
_pdbx_poly_seq_scheme.entity_id 
_pdbx_poly_seq_scheme.seq_id 
_pdbx_poly_seq_scheme.mon_id 
_pdbx_poly_seq_scheme.ndb_seq_num 
_pdbx_poly_seq_scheme.pdb_seq_num 
_pdbx_poly_seq_scheme.auth_seq_num 
_pdbx_poly_seq_scheme.pdb_mon_id 
_pdbx_poly_seq_scheme.auth_mon_id 
_pdbx_poly_seq_scheme.pdb_strand_id 
_pdbx_poly_seq_scheme.pdb_ins_code 
_pdbx_poly_seq_scheme.hetero 
A 1 1  ACE 1  0  0  ACE ACE A . n 
A 1 2  GLY 2  1  1  GLY GLY A . n 
A 1 3  GLU 3  2  2  GLU GLU A . n 
A 1 4  LEU 4  3  3  LEU LEU A . n 
A 1 5  AIB 5  4  4  AIB AIB A . n 
A 1 6  AIB 6  5  5  AIB AIB A . n 
A 1 7  LEU 7  6  6  LEU LEU A . n 
A 1 8  LYS 8  7  7  LYS LYS A . n 
A 1 9  GLU 9  8  8  GLU GLU A . n 
A 1 10 LEU 10 9  9  LEU LEU A . n 
A 1 11 AIB 11 10 10 AIB AIB A . n 
A 1 12 AIB 12 11 11 AIB AIB A . n 
A 1 13 LEU 13 12 12 LEU LEU A . n 
A 1 14 LYS 14 13 13 LYS LYS A . n 
A 1 15 AIB 15 14 14 AIB AIB A . n 
A 1 16 AIB 16 15 15 AIB AIB A . n 
A 1 17 AIB 17 16 16 AIB AIB A . n 
A 1 18 TRP 18 17 17 TRP TRP A . n 
A 1 19 LYS 19 18 18 LYS LYS A . n 
A 1 20 GLY 20 19 19 GLY GLY A . n 
A 1 21 NH2 21 20 20 NH2 NH2 A . n 
# 
_pdbx_contact_author.id                 2 
_pdbx_contact_author.email              d.n.woolfson@bristol.ac.uk 
_pdbx_contact_author.name_first         Derek 
_pdbx_contact_author.name_last          Woolfson 
_pdbx_contact_author.name_mi            N. 
_pdbx_contact_author.role               'principal investigator/group leader' 
_pdbx_contact_author.identifier_ORCID   0000-0002-0394-3202 
# 
loop_
_pdbx_nonpoly_scheme.asym_id 
_pdbx_nonpoly_scheme.entity_id 
_pdbx_nonpoly_scheme.mon_id 
_pdbx_nonpoly_scheme.ndb_seq_num 
_pdbx_nonpoly_scheme.pdb_seq_num 
_pdbx_nonpoly_scheme.auth_seq_num 
_pdbx_nonpoly_scheme.pdb_mon_id 
_pdbx_nonpoly_scheme.auth_mon_id 
_pdbx_nonpoly_scheme.pdb_strand_id 
_pdbx_nonpoly_scheme.pdb_ins_code 
B 2 MLI 1  101 1  MLI MLI A . 
C 3 GOL 1  102 2  GOL GOL A . 
D 4 NA  1  103 3  NA  NA  A . 
E 4 NA  1  104 4  NA  NA  A . 
F 5 HOH 1  201 1  HOH HOH A . 
F 5 HOH 2  202 20 HOH HOH A . 
F 5 HOH 3  203 16 HOH HOH A . 
F 5 HOH 4  204 11 HOH HOH A . 
F 5 HOH 5  205 12 HOH HOH A . 
F 5 HOH 6  206 25 HOH HOH A . 
F 5 HOH 7  207 4  HOH HOH A . 
F 5 HOH 8  208 2  HOH HOH A . 
F 5 HOH 9  209 13 HOH HOH A . 
F 5 HOH 10 210 8  HOH HOH A . 
F 5 HOH 11 211 21 HOH HOH A . 
F 5 HOH 12 212 3  HOH HOH A . 
F 5 HOH 13 213 6  HOH HOH A . 
F 5 HOH 14 214 10 HOH HOH A . 
F 5 HOH 15 215 18 HOH HOH A . 
F 5 HOH 16 216 7  HOH HOH A . 
F 5 HOH 17 217 5  HOH HOH A . 
F 5 HOH 18 218 27 HOH HOH A . 
F 5 HOH 19 219 9  HOH HOH A . 
F 5 HOH 20 220 24 HOH HOH A . 
F 5 HOH 21 221 15 HOH HOH A . 
F 5 HOH 22 222 14 HOH HOH A . 
F 5 HOH 23 223 22 HOH HOH A . 
F 5 HOH 24 224 23 HOH HOH A . 
F 5 HOH 25 225 19 HOH HOH A . 
F 5 HOH 26 226 17 HOH HOH A . 
F 5 HOH 27 227 26 HOH HOH A . 
# 
_pdbx_struct_assembly.id                   1 
_pdbx_struct_assembly.details              author_and_software_defined_assembly 
_pdbx_struct_assembly.method_details       PISA 
_pdbx_struct_assembly.oligomeric_details   monomeric 
_pdbx_struct_assembly.oligomeric_count     1 
# 
_pdbx_struct_assembly_gen.assembly_id       1 
_pdbx_struct_assembly_gen.oper_expression   1 
_pdbx_struct_assembly_gen.asym_id_list      A,B,C,D,E,F 
# 
loop_
_pdbx_struct_assembly_prop.biol_id 
_pdbx_struct_assembly_prop.type 
_pdbx_struct_assembly_prop.value 
_pdbx_struct_assembly_prop.details 
1 'ABSA (A^2)' 330  ? 
1 MORE         -4   ? 
1 'SSA (A^2)'  2490 ? 
# 
_pdbx_struct_oper_list.id                   1 
_pdbx_struct_oper_list.type                 'identity operation' 
_pdbx_struct_oper_list.name                 1_555 
_pdbx_struct_oper_list.symmetry_operation   x,y,z 
_pdbx_struct_oper_list.matrix[1][1]         1.0000000000 
_pdbx_struct_oper_list.matrix[1][2]         0.0000000000 
_pdbx_struct_oper_list.matrix[1][3]         0.0000000000 
_pdbx_struct_oper_list.vector[1]            0.0000000000 
_pdbx_struct_oper_list.matrix[2][1]         0.0000000000 
_pdbx_struct_oper_list.matrix[2][2]         1.0000000000 
_pdbx_struct_oper_list.matrix[2][3]         0.0000000000 
_pdbx_struct_oper_list.vector[2]            0.0000000000 
_pdbx_struct_oper_list.matrix[3][1]         0.0000000000 
_pdbx_struct_oper_list.matrix[3][2]         0.0000000000 
_pdbx_struct_oper_list.matrix[3][3]         1.0000000000 
_pdbx_struct_oper_list.vector[3]            0.0000000000 
# 
loop_
_pdbx_struct_special_symmetry.id 
_pdbx_struct_special_symmetry.PDB_model_num 
_pdbx_struct_special_symmetry.auth_asym_id 
_pdbx_struct_special_symmetry.auth_comp_id 
_pdbx_struct_special_symmetry.auth_seq_id 
_pdbx_struct_special_symmetry.PDB_ins_code 
_pdbx_struct_special_symmetry.label_asym_id 
_pdbx_struct_special_symmetry.label_comp_id 
_pdbx_struct_special_symmetry.label_seq_id 
1 1 A MLI 101 ? B MLI . 
2 1 A HOH 219 ? F HOH . 
# 
loop_
_pdbx_audit_revision_history.ordinal 
_pdbx_audit_revision_history.data_content_type 
_pdbx_audit_revision_history.major_revision 
_pdbx_audit_revision_history.minor_revision 
_pdbx_audit_revision_history.revision_date 
1 'Structure model' 1 0 2022-04-27 
2 'Structure model' 1 1 2022-06-29 
3 'Structure model' 1 2 2022-07-06 
4 'Structure model' 1 3 2022-07-27 
# 
_pdbx_audit_revision_details.ordinal             1 
_pdbx_audit_revision_details.revision_ordinal    1 
_pdbx_audit_revision_details.data_content_type   'Structure model' 
_pdbx_audit_revision_details.provider            repository 
_pdbx_audit_revision_details.type                'Initial release' 
_pdbx_audit_revision_details.description         ? 
_pdbx_audit_revision_details.details             ? 
# 
loop_
_pdbx_audit_revision_group.ordinal 
_pdbx_audit_revision_group.revision_ordinal 
_pdbx_audit_revision_group.data_content_type 
_pdbx_audit_revision_group.group 
1 2 'Structure model' 'Database references' 
2 3 'Structure model' 'Database references' 
3 4 'Structure model' 'Database references' 
# 
loop_
_pdbx_audit_revision_category.ordinal 
_pdbx_audit_revision_category.revision_ordinal 
_pdbx_audit_revision_category.data_content_type 
_pdbx_audit_revision_category.category 
1 2 'Structure model' citation        
2 2 'Structure model' citation_author 
3 3 'Structure model' citation        
4 4 'Structure model' citation        
# 
loop_
_pdbx_audit_revision_item.ordinal 
_pdbx_audit_revision_item.revision_ordinal 
_pdbx_audit_revision_item.data_content_type 
_pdbx_audit_revision_item.item 
1  2 'Structure model' '_citation.country'                 
2  2 'Structure model' '_citation.journal_abbrev'          
3  2 'Structure model' '_citation.journal_id_ASTM'         
4  2 'Structure model' '_citation.journal_id_CSD'          
5  2 'Structure model' '_citation.journal_id_ISSN'         
6  2 'Structure model' '_citation.pdbx_database_id_DOI'    
7  2 'Structure model' '_citation.title'                   
8  2 'Structure model' '_citation.year'                    
9  3 'Structure model' '_citation.pdbx_database_id_PubMed' 
10 3 'Structure model' '_citation.title'                   
11 4 'Structure model' '_citation.journal_volume'          
12 4 'Structure model' '_citation.page_first'              
13 4 'Structure model' '_citation.page_last'               
# 
_pdbx_refine_tls.id               1 
_pdbx_refine_tls.pdbx_refine_id   'X-RAY DIFFRACTION' 
_pdbx_refine_tls.details          ? 
_pdbx_refine_tls.method           refined 
_pdbx_refine_tls.origin_x         -0.3068 
_pdbx_refine_tls.origin_y         1.5406 
_pdbx_refine_tls.origin_z         -0.5045 
_pdbx_refine_tls.T[1][1]          0.0025 
_pdbx_refine_tls.T[1][1]_esd      ? 
_pdbx_refine_tls.T[1][2]          -0.0002 
_pdbx_refine_tls.T[1][2]_esd      ? 
_pdbx_refine_tls.T[1][3]          -0.0005 
_pdbx_refine_tls.T[1][3]_esd      ? 
_pdbx_refine_tls.T[2][2]          0.0018 
_pdbx_refine_tls.T[2][2]_esd      ? 
_pdbx_refine_tls.T[2][3]          -0.0025 
_pdbx_refine_tls.T[2][3]_esd      ? 
_pdbx_refine_tls.T[3][3]          0.0069 
_pdbx_refine_tls.T[3][3]_esd      ? 
_pdbx_refine_tls.L[1][1]          1.6100 
_pdbx_refine_tls.L[1][1]_esd      ? 
_pdbx_refine_tls.L[1][2]          2.2667 
_pdbx_refine_tls.L[1][2]_esd      ? 
_pdbx_refine_tls.L[1][3]          0.1000 
_pdbx_refine_tls.L[1][3]_esd      ? 
_pdbx_refine_tls.L[2][2]          9.4292 
_pdbx_refine_tls.L[2][2]_esd      ? 
_pdbx_refine_tls.L[2][3]          -0.9552 
_pdbx_refine_tls.L[2][3]_esd      ? 
_pdbx_refine_tls.L[3][3]          1.2483 
_pdbx_refine_tls.L[3][3]_esd      ? 
_pdbx_refine_tls.S[1][1]          -0.0262 
_pdbx_refine_tls.S[1][1]_esd      ? 
_pdbx_refine_tls.S[1][2]          0.0491 
_pdbx_refine_tls.S[1][2]_esd      ? 
_pdbx_refine_tls.S[1][3]          -0.0751 
_pdbx_refine_tls.S[1][3]_esd      ? 
_pdbx_refine_tls.S[2][1]          -0.0614 
_pdbx_refine_tls.S[2][1]_esd      ? 
_pdbx_refine_tls.S[2][2]          0.0825 
_pdbx_refine_tls.S[2][2]_esd      ? 
_pdbx_refine_tls.S[2][3]          0.0204 
_pdbx_refine_tls.S[2][3]_esd      ? 
_pdbx_refine_tls.S[3][1]          0.0468 
_pdbx_refine_tls.S[3][1]_esd      ? 
_pdbx_refine_tls.S[3][2]          0.0172 
_pdbx_refine_tls.S[3][2]_esd      ? 
_pdbx_refine_tls.S[3][3]          -0.0562 
_pdbx_refine_tls.S[3][3]_esd      ? 
# 
_pdbx_refine_tls_group.id                  1 
_pdbx_refine_tls_group.pdbx_refine_id      'X-RAY DIFFRACTION' 
_pdbx_refine_tls_group.refine_tls_id       1 
_pdbx_refine_tls_group.beg_label_asym_id   ? 
_pdbx_refine_tls_group.beg_label_seq_id    ? 
_pdbx_refine_tls_group.beg_auth_asym_id    A 
_pdbx_refine_tls_group.beg_auth_seq_id     0 
_pdbx_refine_tls_group.beg_PDB_ins_code    ? 
_pdbx_refine_tls_group.end_label_asym_id   ? 
_pdbx_refine_tls_group.end_label_seq_id    ? 
_pdbx_refine_tls_group.end_auth_asym_id    A 
_pdbx_refine_tls_group.end_auth_seq_id     20 
_pdbx_refine_tls_group.end_PDB_ins_code    ? 
_pdbx_refine_tls_group.selection           ? 
_pdbx_refine_tls_group.selection_details   ? 
# 
loop_
_software.citation_id 
_software.classification 
_software.compiler_name 
_software.compiler_version 
_software.contact_author 
_software.contact_author_email 
_software.date 
_software.description 
_software.dependencies 
_software.hardware 
_software.language 
_software.location 
_software.mods 
_software.name 
_software.os 
_software.os_version 
_software.type 
_software.version 
_software.pdbx_ordinal 
? refinement        ? ? ? ? ? ? ? ? ? ? ? REFMAC      ? ? ? 5.8.0267 1 
? 'data scaling'    ? ? ? ? ? ? ? ? ? ? ? Aimless     ? ? ? .        2 
? 'data extraction' ? ? ? ? ? ? ? ? ? ? ? PDB_EXTRACT ? ? ? 3.27     3 
? 'data reduction'  ? ? ? ? ? ? ? ? ? ? ? XDS         ? ? ? .        4 
? phasing           ? ? ? ? ? ? ? ? ? ? ? SHELXT      ? ? ? .        5 
# 
_pdbx_entry_details.entry_id                 7QDJ 
_pdbx_entry_details.has_ligand_of_interest   Y 
_pdbx_entry_details.compound_details         ? 
_pdbx_entry_details.source_details           ? 
_pdbx_entry_details.nonpolymer_details       ? 
_pdbx_entry_details.sequence_details         ? 
# 
loop_
_pdbx_audit_support.funding_organization 
_pdbx_audit_support.country 
_pdbx_audit_support.grant_number 
_pdbx_audit_support.ordinal 
'Biotechnology and Biological Sciences Research Council (BBSRC)' 'United Kingdom' BB/L01386X/1 1 
'Biotechnology and Biological Sciences Research Council (BBSRC)' 'United Kingdom' BB/R00661X/1 2 
# 
loop_
_pdbx_entity_instance_feature.ordinal 
_pdbx_entity_instance_feature.comp_id 
_pdbx_entity_instance_feature.asym_id 
_pdbx_entity_instance_feature.seq_num 
_pdbx_entity_instance_feature.auth_comp_id 
_pdbx_entity_instance_feature.auth_asym_id 
_pdbx_entity_instance_feature.auth_seq_num 
_pdbx_entity_instance_feature.feature_type 
_pdbx_entity_instance_feature.details 
1 ACE ? ? ACE ? ? 'SUBJECT OF INVESTIGATION' ? 
2 AIB ? ? AIB ? ? 'SUBJECT OF INVESTIGATION' ? 
3 NH2 ? ? NH2 ? ? 'SUBJECT OF INVESTIGATION' ? 
# 
loop_
_pdbx_entity_nonpoly.entity_id 
_pdbx_entity_nonpoly.name 
_pdbx_entity_nonpoly.comp_id 
2 'MALONATE ION' MLI 
3 GLYCEROL       GOL 
4 'SODIUM ION'   NA  
5 water          HOH 
# 
_pdbx_struct_assembly_auth_evidence.id                     1 
_pdbx_struct_assembly_auth_evidence.assembly_id            1 
_pdbx_struct_assembly_auth_evidence.experimental_support   'equilibrium centrifugation' 
_pdbx_struct_assembly_auth_evidence.details                ? 
# 
